data_2Q1W
#
_entry.id   2Q1W
#
_cell.length_a   93.673
_cell.length_b   158.988
_cell.length_c   68.222
_cell.angle_alpha   90.00
_cell.angle_beta   90.00
_cell.angle_gamma   90.00
#
_symmetry.space_group_name_H-M   'P 21 21 2'
#
loop_
_entity.id
_entity.type
_entity.pdbx_description
1 polymer 'Putative nucleotide sugar epimerase/ dehydratase'
2 non-polymer NICOTINAMIDE-ADENINE-DINUCLEOTIDE
3 water water
#
_entity_poly.entity_id   1
_entity_poly.type   'polypeptide(L)'
_entity_poly.pdbx_seq_one_letter_code
;MGSSHHHHHHSSGLVPRGSHMKKVFITGICGQIGSHIAELLLERGDKVVGIDNFATGRREHLKDHPNLTFVEGSIADHAL
VNQLIGDLQPDAVVHTAASYKDPDDWYNDTLTNCVGGSNVVQAAKKNNVGRFVYFQTALCYGVKPIQQPVRLDHPRNPAN
SSYAISKSANEDYLEYSGLDFVTFRLANVVGPRNVSGPLPIFFQRLSEGKKCFVTKARRDFVFVKDLARATVRAVDGVGH
GAYHFSSGTDVAIKELYDAVVEAMALPSYPEPEIRELGPDDAPSILLDPSRTIQDFGKIEFTPLKETVAAAVAYFREYGV
SGGYTHLKINENK
;
_entity_poly.pdbx_strand_id   A,B,C
#
loop_
_chem_comp.id
_chem_comp.type
_chem_comp.name
_chem_comp.formula
NAD non-polymer NICOTINAMIDE-ADENINE-DINUCLEOTIDE 'C21 H27 N7 O14 P2'
#
# COMPACT_ATOMS: atom_id res chain seq x y z
N MET A 21 -16.95 38.38 28.17
CA MET A 21 -16.76 36.90 28.02
C MET A 21 -17.80 36.29 27.08
N LYS A 22 -17.33 35.60 26.06
CA LYS A 22 -18.23 34.92 25.12
C LYS A 22 -18.17 33.43 25.43
N LYS A 23 -19.24 32.72 25.08
CA LYS A 23 -19.27 31.26 25.13
C LYS A 23 -19.22 30.83 23.67
N VAL A 24 -18.22 30.04 23.31
CA VAL A 24 -18.07 29.65 21.89
C VAL A 24 -18.01 28.15 21.74
N PHE A 25 -18.82 27.63 20.81
CA PHE A 25 -18.73 26.22 20.37
C PHE A 25 -17.94 26.09 19.05
N ILE A 26 -16.93 25.22 19.03
CA ILE A 26 -16.09 25.06 17.89
C ILE A 26 -16.13 23.60 17.43
N THR A 27 -16.57 23.36 16.17
CA THR A 27 -16.47 22.02 15.58
C THR A 27 -15.11 21.86 14.87
N GLY A 28 -14.51 20.67 14.92
CA GLY A 28 -13.18 20.45 14.35
C GLY A 28 -12.10 21.24 15.12
N ILE A 29 -12.26 21.28 16.42
CA ILE A 29 -11.43 22.11 17.27
C ILE A 29 -9.94 21.67 17.30
N CYS A 30 -9.66 20.47 16.84
CA CYS A 30 -8.28 19.98 16.83
C CYS A 30 -7.67 20.07 15.44
N GLY A 31 -8.33 20.84 14.56
CA GLY A 31 -7.85 21.06 13.18
C GLY A 31 -7.01 22.31 13.12
N GLN A 32 -6.53 22.60 11.91
CA GLN A 32 -5.59 23.68 11.68
C GLN A 32 -6.27 25.00 12.04
N ILE A 33 -7.43 25.21 11.49
CA ILE A 33 -8.14 26.47 11.64
C ILE A 33 -8.81 26.52 13.05
N GLY A 34 -9.48 25.42 13.43
CA GLY A 34 -10.27 25.40 14.67
C GLY A 34 -9.40 25.59 15.88
N SER A 35 -8.23 24.95 15.90
CA SER A 35 -7.32 25.00 17.07
C SER A 35 -6.73 26.38 17.28
N HIS A 36 -6.36 27.03 16.19
CA HIS A 36 -5.88 28.42 16.25
C HIS A 36 -6.92 29.44 16.69
N ILE A 37 -8.17 29.24 16.29
CA ILE A 37 -9.28 30.02 16.83
C ILE A 37 -9.47 29.76 18.34
N ALA A 38 -9.60 28.50 18.73
CA ALA A 38 -9.69 28.20 20.16
C ALA A 38 -8.65 28.98 21.01
N GLU A 39 -7.37 28.93 20.62
CA GLU A 39 -6.28 29.59 21.36
C GLU A 39 -6.50 31.06 21.63
N LEU A 40 -6.82 31.81 20.58
CA LEU A 40 -7.10 33.20 20.66
C LEU A 40 -8.27 33.49 21.61
N LEU A 41 -9.35 32.72 21.50
CA LEU A 41 -10.53 32.91 22.36
C LEU A 41 -10.20 32.58 23.83
N LEU A 42 -9.35 31.56 24.04
CA LEU A 42 -9.08 31.09 25.38
C LEU A 42 -8.16 32.09 26.07
N GLU A 43 -7.21 32.62 25.31
CA GLU A 43 -6.25 33.58 25.80
C GLU A 43 -6.95 34.86 26.29
N ARG A 44 -8.04 35.23 25.65
CA ARG A 44 -8.76 36.46 26.05
C ARG A 44 -9.84 36.21 27.11
N GLY A 45 -9.94 34.97 27.57
CA GLY A 45 -10.83 34.65 28.69
C GLY A 45 -12.21 34.14 28.33
N ASP A 46 -12.42 33.72 27.08
CA ASP A 46 -13.72 33.16 26.69
C ASP A 46 -13.91 31.71 27.13
N LYS A 47 -15.17 31.29 27.22
CA LYS A 47 -15.49 29.89 27.46
C LYS A 47 -15.59 29.16 26.10
N VAL A 48 -14.81 28.09 25.97
CA VAL A 48 -14.70 27.32 24.73
C VAL A 48 -15.09 25.86 24.95
N VAL A 49 -16.02 25.38 24.13
CA VAL A 49 -16.38 23.95 24.08
C VAL A 49 -16.15 23.47 22.64
N GLY A 50 -15.48 22.33 22.46
CA GLY A 50 -15.25 21.85 21.10
C GLY A 50 -15.40 20.35 20.93
N ILE A 51 -15.52 19.95 19.66
CA ILE A 51 -15.67 18.54 19.28
C ILE A 51 -14.75 18.20 18.12
N ASP A 52 -14.16 17.02 18.13
CA ASP A 52 -13.32 16.55 17.02
C ASP A 52 -13.31 15.02 17.09
N ASN A 53 -13.33 14.38 15.94
CA ASN A 53 -13.31 12.93 15.84
C ASN A 53 -11.94 12.43 15.41
N PHE A 54 -11.03 13.37 15.16
CA PHE A 54 -9.65 13.08 14.71
C PHE A 54 -9.54 12.40 13.36
N ALA A 55 -10.47 12.72 12.44
CA ALA A 55 -10.40 12.22 11.06
C ALA A 55 -9.12 12.72 10.40
N THR A 56 -8.77 13.98 10.72
CA THR A 56 -7.54 14.58 10.23
C THR A 56 -6.80 15.41 11.28
N GLY A 57 -7.50 15.92 12.30
CA GLY A 57 -6.91 16.64 13.37
C GLY A 57 -6.11 15.77 14.32
N ARG A 58 -5.47 16.43 15.29
CA ARG A 58 -4.55 15.80 16.20
C ARG A 58 -4.78 16.41 17.58
N ARG A 59 -4.69 15.58 18.62
CA ARG A 59 -5.05 16.04 19.95
C ARG A 59 -4.03 17.04 20.47
N GLU A 60 -2.78 16.91 20.02
CA GLU A 60 -1.69 17.83 20.37
C GLU A 60 -1.86 19.21 19.79
N HIS A 61 -2.89 19.40 18.94
CA HIS A 61 -3.21 20.74 18.40
C HIS A 61 -3.98 21.60 19.39
N LEU A 62 -4.56 20.96 20.40
CA LEU A 62 -5.35 21.70 21.38
C LEU A 62 -4.75 21.51 22.77
N LYS A 63 -4.17 22.58 23.32
CA LYS A 63 -3.60 22.50 24.68
C LYS A 63 -4.74 22.67 25.72
N ASP A 64 -4.73 21.88 26.77
CA ASP A 64 -5.77 21.97 27.82
C ASP A 64 -5.79 23.32 28.50
N HIS A 65 -6.99 23.75 28.90
CA HIS A 65 -7.15 25.05 29.52
C HIS A 65 -8.39 24.95 30.46
N PRO A 66 -8.33 25.64 31.62
CA PRO A 66 -9.47 25.68 32.55
C PRO A 66 -10.81 26.03 31.93
N ASN A 67 -10.82 26.96 30.97
CA ASN A 67 -12.08 27.36 30.30
C ASN A 67 -12.42 26.57 29.03
N LEU A 68 -11.68 25.49 28.76
CA LEU A 68 -11.90 24.67 27.59
C LEU A 68 -12.47 23.30 27.97
N THR A 69 -13.55 22.92 27.32
CA THR A 69 -14.15 21.59 27.46
C THR A 69 -14.05 20.93 26.08
N PHE A 70 -13.26 19.85 25.98
CA PHE A 70 -13.11 19.13 24.75
C PHE A 70 -13.85 17.79 24.82
N VAL A 71 -14.59 17.42 23.76
CA VAL A 71 -15.29 16.11 23.67
C VAL A 71 -14.95 15.44 22.35
N GLU A 72 -14.36 14.24 22.41
CA GLU A 72 -14.12 13.42 21.20
C GLU A 72 -15.46 12.84 20.66
N GLY A 73 -15.72 13.08 19.37
CA GLY A 73 -16.97 12.64 18.74
C GLY A 73 -17.19 13.25 17.35
N SER A 74 -18.26 12.84 16.70
CA SER A 74 -18.57 13.26 15.36
C SER A 74 -19.72 14.24 15.40
N ILE A 75 -19.62 15.26 14.55
CA ILE A 75 -20.75 16.17 14.38
C ILE A 75 -21.95 15.48 13.76
N ALA A 76 -21.76 14.27 13.20
CA ALA A 76 -22.91 13.50 12.69
C ALA A 76 -23.75 12.95 13.86
N ASP A 77 -23.22 13.04 15.09
CA ASP A 77 -23.86 12.50 16.28
C ASP A 77 -24.86 13.55 16.73
N HIS A 78 -26.10 13.44 16.26
CA HIS A 78 -27.13 14.47 16.46
C HIS A 78 -27.35 14.83 17.94
N ALA A 79 -27.42 13.80 18.77
CA ALA A 79 -27.66 13.97 20.16
C ALA A 79 -26.49 14.65 20.87
N LEU A 80 -25.25 14.29 20.52
CA LEU A 80 -24.10 14.96 21.11
C LEU A 80 -23.99 16.46 20.77
N VAL A 81 -24.25 16.80 19.49
CA VAL A 81 -24.18 18.18 19.04
C VAL A 81 -25.22 19.06 19.77
N ASN A 82 -26.46 18.60 19.79
CA ASN A 82 -27.52 19.25 20.56
C ASN A 82 -27.26 19.34 22.07
N GLN A 83 -26.66 18.31 22.64
CA GLN A 83 -26.36 18.30 24.04
C GLN A 83 -25.32 19.36 24.40
N LEU A 84 -24.22 19.39 23.65
CA LEU A 84 -23.17 20.38 23.86
C LEU A 84 -23.60 21.84 23.60
N ILE A 85 -24.27 22.10 22.49
CA ILE A 85 -24.79 23.44 22.18
C ILE A 85 -25.94 23.82 23.14
N GLY A 86 -26.82 22.87 23.41
CA GLY A 86 -27.95 23.11 24.34
C GLY A 86 -27.47 23.53 25.73
N ASP A 87 -26.45 22.87 26.23
CA ASP A 87 -25.93 23.12 27.55
C ASP A 87 -25.17 24.44 27.64
N LEU A 88 -24.43 24.78 26.59
CA LEU A 88 -23.51 25.92 26.63
C LEU A 88 -24.29 27.20 26.41
N GLN A 89 -25.36 27.13 25.62
CA GLN A 89 -26.03 28.33 25.10
C GLN A 89 -24.99 29.35 24.58
N PRO A 90 -24.32 29.03 23.43
CA PRO A 90 -23.16 29.81 23.01
C PRO A 90 -23.57 31.16 22.40
N ASP A 91 -22.70 32.15 22.50
CA ASP A 91 -22.85 33.40 21.76
C ASP A 91 -22.53 33.17 20.27
N ALA A 92 -21.62 32.24 19.97
CA ALA A 92 -21.24 31.96 18.58
C ALA A 92 -20.93 30.48 18.42
N VAL A 93 -21.25 29.96 17.22
CA VAL A 93 -20.69 28.67 16.78
C VAL A 93 -19.63 28.93 15.68
N VAL A 94 -18.48 28.27 15.77
CA VAL A 94 -17.45 28.38 14.76
C VAL A 94 -17.31 26.99 14.21
N HIS A 95 -17.72 26.79 12.96
CA HIS A 95 -17.94 25.48 12.40
C HIS A 95 -16.85 25.15 11.36
N THR A 96 -15.80 24.48 11.81
CA THR A 96 -14.64 24.18 10.97
C THR A 96 -14.57 22.68 10.61
N ALA A 97 -15.34 21.83 11.29
CA ALA A 97 -15.25 20.39 10.99
C ALA A 97 -15.68 20.05 9.56
N ALA A 98 -14.86 19.27 8.87
CA ALA A 98 -15.17 18.86 7.51
C ALA A 98 -14.44 17.60 7.17
N SER A 99 -15.15 16.73 6.44
CA SER A 99 -14.56 15.56 5.80
C SER A 99 -14.15 15.91 4.37
N TYR A 100 -13.00 15.39 3.93
CA TYR A 100 -12.44 15.74 2.63
C TYR A 100 -11.31 14.85 2.10
N LYS A 101 -10.57 14.19 3.00
CA LYS A 101 -9.22 13.65 2.70
C LYS A 101 -9.16 12.57 1.61
N ASP A 102 -10.30 11.91 1.37
CA ASP A 102 -10.41 10.87 0.37
C ASP A 102 -11.58 11.20 -0.53
N PRO A 103 -11.29 11.62 -1.79
CA PRO A 103 -12.29 12.05 -2.78
C PRO A 103 -13.25 10.93 -3.25
N ASP A 104 -12.89 9.68 -3.00
CA ASP A 104 -13.80 8.56 -3.27
C ASP A 104 -14.70 8.17 -2.10
N ASP A 105 -14.43 8.78 -0.92
CA ASP A 105 -15.18 8.49 0.28
C ASP A 105 -16.41 9.38 0.38
N TRP A 106 -17.38 9.19 -0.50
CA TRP A 106 -18.55 10.07 -0.51
C TRP A 106 -19.42 9.89 0.76
N TYR A 107 -19.29 8.71 1.37
CA TYR A 107 -20.02 8.38 2.56
C TYR A 107 -19.66 9.31 3.73
N ASN A 108 -18.37 9.46 4.05
CA ASN A 108 -18.00 10.32 5.15
C ASN A 108 -18.14 11.79 4.81
N ASP A 109 -17.88 12.14 3.55
CA ASP A 109 -18.14 13.51 3.08
C ASP A 109 -19.58 13.98 3.34
N THR A 110 -20.56 13.15 2.95
CA THR A 110 -21.94 13.54 3.16
C THR A 110 -22.35 13.39 4.62
N LEU A 111 -21.92 12.30 5.27
CA LEU A 111 -22.21 12.08 6.69
C LEU A 111 -21.62 13.19 7.60
N THR A 112 -20.38 13.56 7.39
CA THR A 112 -19.81 14.70 8.15
C THR A 112 -20.36 16.09 7.67
N ASN A 113 -20.26 16.35 6.38
CA ASN A 113 -20.53 17.68 5.89
C ASN A 113 -22.00 18.00 5.76
N CYS A 114 -22.83 17.01 5.36
CA CYS A 114 -24.26 17.26 5.14
C CYS A 114 -25.06 16.96 6.41
N VAL A 115 -25.02 15.70 6.87
CA VAL A 115 -25.71 15.29 8.11
C VAL A 115 -25.07 16.00 9.32
N GLY A 116 -23.77 15.86 9.50
CA GLY A 116 -23.09 16.59 10.59
C GLY A 116 -23.25 18.10 10.48
N GLY A 117 -22.96 18.63 9.30
CA GLY A 117 -23.06 20.06 9.02
C GLY A 117 -24.42 20.64 9.31
N SER A 118 -25.49 19.99 8.84
CA SER A 118 -26.86 20.43 9.11
C SER A 118 -27.27 20.24 10.55
N ASN A 119 -26.73 19.20 11.22
CA ASN A 119 -26.88 19.03 12.68
C ASN A 119 -26.47 20.29 13.43
N VAL A 120 -25.28 20.78 13.08
CA VAL A 120 -24.65 21.90 13.75
C VAL A 120 -25.39 23.19 13.43
N VAL A 121 -25.80 23.32 12.19
CA VAL A 121 -26.52 24.53 11.80
C VAL A 121 -27.87 24.57 12.53
N GLN A 122 -28.62 23.47 12.50
CA GLN A 122 -29.94 23.45 13.12
C GLN A 122 -29.89 23.59 14.65
N ALA A 123 -28.94 22.93 15.28
CA ALA A 123 -28.74 23.06 16.75
C ALA A 123 -28.39 24.51 17.18
N ALA A 124 -27.60 25.21 16.35
CA ALA A 124 -27.30 26.61 16.61
C ALA A 124 -28.56 27.48 16.46
N LYS A 125 -29.35 27.23 15.43
CA LYS A 125 -30.64 27.85 15.19
C LYS A 125 -31.63 27.62 16.35
N LYS A 126 -31.78 26.36 16.78
CA LYS A 126 -32.74 26.01 17.83
C LYS A 126 -32.37 26.65 19.17
N ASN A 127 -31.08 26.92 19.34
CA ASN A 127 -30.55 27.51 20.58
C ASN A 127 -30.28 29.01 20.49
N ASN A 128 -30.83 29.65 19.45
CA ASN A 128 -30.74 31.11 19.28
C ASN A 128 -29.30 31.61 19.39
N VAL A 129 -28.37 30.87 18.76
CA VAL A 129 -26.98 31.31 18.69
C VAL A 129 -26.91 32.65 17.90
N GLY A 130 -26.27 33.65 18.51
CA GLY A 130 -26.20 34.98 17.91
C GLY A 130 -25.38 35.06 16.63
N ARG A 131 -24.24 34.38 16.62
CA ARG A 131 -23.28 34.41 15.49
C ARG A 131 -22.77 33.02 15.04
N PHE A 132 -22.73 32.81 13.73
CA PHE A 132 -22.30 31.55 13.18
C PHE A 132 -21.21 31.83 12.17
N VAL A 133 -20.07 31.17 12.35
CA VAL A 133 -18.90 31.38 11.46
C VAL A 133 -18.60 30.09 10.71
N TYR A 134 -18.75 30.13 9.40
CA TYR A 134 -18.52 28.97 8.55
C TYR A 134 -17.29 29.17 7.69
N PHE A 135 -16.71 28.03 7.23
CA PHE A 135 -15.51 28.03 6.40
C PHE A 135 -15.84 27.22 5.18
N GLN A 136 -15.62 27.81 3.98
CA GLN A 136 -16.08 27.21 2.75
C GLN A 136 -14.99 27.25 1.66
N THR A 137 -15.00 26.24 0.78
CA THR A 137 -14.04 26.13 -0.30
C THR A 137 -14.49 26.97 -1.48
N ALA A 138 -13.54 27.63 -2.15
CA ALA A 138 -13.81 28.40 -3.37
C ALA A 138 -14.37 27.53 -4.49
N LEU A 139 -14.21 26.21 -4.39
CA LEU A 139 -14.67 25.26 -5.39
C LEU A 139 -16.20 25.23 -5.51
N CYS A 140 -16.90 25.91 -4.59
CA CYS A 140 -18.36 26.16 -4.71
C CYS A 140 -18.68 26.86 -6.03
N TYR A 141 -17.72 27.66 -6.52
CA TYR A 141 -17.85 28.41 -7.77
C TYR A 141 -17.57 27.52 -8.99
N GLY A 142 -17.00 26.34 -8.75
CA GLY A 142 -16.74 25.41 -9.82
C GLY A 142 -15.30 25.49 -10.28
N VAL A 143 -15.04 24.78 -11.37
CA VAL A 143 -13.69 24.57 -11.90
C VAL A 143 -13.43 25.25 -13.26
N LYS A 144 -14.37 26.08 -13.71
CA LYS A 144 -14.22 26.83 -14.98
C LYS A 144 -14.81 28.24 -14.81
N PRO A 145 -14.20 29.06 -13.91
CA PRO A 145 -14.77 30.39 -13.62
C PRO A 145 -14.44 31.34 -14.74
N ILE A 146 -15.45 31.71 -15.52
CA ILE A 146 -15.32 32.84 -16.42
C ILE A 146 -15.78 34.03 -15.55
N GLN A 147 -14.78 34.76 -15.05
CA GLN A 147 -14.89 35.91 -14.14
C GLN A 147 -13.55 35.89 -13.43
N GLN A 148 -12.73 36.91 -13.68
CA GLN A 148 -11.36 36.96 -13.18
C GLN A 148 -11.11 38.39 -12.66
N PRO A 149 -10.92 38.56 -11.33
CA PRO A 149 -11.07 37.61 -10.23
C PRO A 149 -12.54 37.26 -9.99
N VAL A 150 -12.76 36.21 -9.20
CA VAL A 150 -14.08 35.71 -8.86
C VAL A 150 -14.73 36.64 -7.86
N ARG A 151 -15.97 37.00 -8.15
CA ARG A 151 -16.74 37.91 -7.29
C ARG A 151 -17.79 37.12 -6.47
N LEU A 152 -18.35 37.73 -5.44
CA LEU A 152 -19.30 37.08 -4.56
C LEU A 152 -20.59 36.68 -5.29
N ASP A 153 -20.86 37.32 -6.42
CA ASP A 153 -22.09 37.07 -7.16
C ASP A 153 -21.89 35.99 -8.20
N HIS A 154 -20.68 35.50 -8.37
CA HIS A 154 -20.40 34.39 -9.28
C HIS A 154 -21.37 33.23 -9.00
N PRO A 155 -21.89 32.59 -10.08
CA PRO A 155 -22.72 31.40 -9.99
C PRO A 155 -22.05 30.18 -9.35
N ARG A 156 -22.87 29.41 -8.65
CA ARG A 156 -22.39 28.24 -7.93
C ARG A 156 -22.40 27.03 -8.81
N ASN A 157 -21.28 26.31 -8.77
CA ASN A 157 -21.13 25.08 -9.56
C ASN A 157 -20.39 24.06 -8.70
N PRO A 158 -21.02 23.63 -7.58
CA PRO A 158 -20.31 22.77 -6.62
C PRO A 158 -20.07 21.33 -7.09
N ALA A 159 -20.64 20.96 -8.24
CA ALA A 159 -20.67 19.56 -8.65
C ALA A 159 -19.36 19.11 -9.33
N ASN A 160 -18.23 19.45 -8.71
CA ASN A 160 -16.92 19.10 -9.27
C ASN A 160 -16.14 18.10 -8.45
N SER A 161 -16.61 17.82 -7.23
CA SER A 161 -15.97 16.90 -6.29
C SER A 161 -16.94 16.70 -5.16
N SER A 162 -16.79 15.57 -4.49
CA SER A 162 -17.53 15.20 -3.32
C SER A 162 -17.41 16.27 -2.25
N TYR A 163 -16.16 16.69 -2.02
CA TYR A 163 -15.84 17.74 -1.09
C TYR A 163 -16.67 19.00 -1.37
N ALA A 164 -16.63 19.46 -2.62
CA ALA A 164 -17.29 20.69 -3.00
C ALA A 164 -18.79 20.58 -2.83
N ILE A 165 -19.38 19.44 -3.27
CA ILE A 165 -20.81 19.24 -3.25
C ILE A 165 -21.33 19.25 -1.80
N SER A 166 -20.67 18.46 -0.94
CA SER A 166 -21.10 18.29 0.43
C SER A 166 -20.89 19.55 1.28
N LYS A 167 -19.77 20.24 1.05
CA LYS A 167 -19.49 21.49 1.71
C LYS A 167 -20.50 22.53 1.32
N SER A 168 -20.92 22.50 0.06
CA SER A 168 -21.89 23.49 -0.44
C SER A 168 -23.29 23.22 0.01
N ALA A 169 -23.69 21.93 0.08
CA ALA A 169 -24.95 21.60 0.74
C ALA A 169 -24.96 22.12 2.19
N ASN A 170 -23.87 21.96 2.93
CA ASN A 170 -23.75 22.54 4.28
C ASN A 170 -23.93 24.07 4.24
N GLU A 171 -23.32 24.73 3.25
CA GLU A 171 -23.52 26.18 3.08
C GLU A 171 -24.98 26.54 2.84
N ASP A 172 -25.64 25.76 1.96
CA ASP A 172 -27.05 25.92 1.69
C ASP A 172 -27.92 25.92 2.96
N TYR A 173 -27.74 24.91 3.81
CA TYR A 173 -28.45 24.85 5.10
C TYR A 173 -28.25 26.10 5.95
N LEU A 174 -27.00 26.56 6.05
CA LEU A 174 -26.68 27.77 6.80
C LEU A 174 -27.45 29.00 6.30
N GLU A 175 -27.47 29.20 4.97
CA GLU A 175 -28.18 30.33 4.39
C GLU A 175 -29.66 30.22 4.73
N TYR A 176 -30.23 29.03 4.53
CA TYR A 176 -31.64 28.79 4.76
C TYR A 176 -32.07 28.96 6.23
N SER A 177 -31.14 28.74 7.16
CA SER A 177 -31.44 28.68 8.61
C SER A 177 -31.95 30.00 9.20
N GLY A 178 -31.56 31.13 8.61
CA GLY A 178 -31.92 32.42 9.17
C GLY A 178 -30.91 32.90 10.22
N LEU A 179 -29.89 32.08 10.47
CA LEU A 179 -28.85 32.40 11.42
C LEU A 179 -28.10 33.65 10.95
N ASP A 180 -27.58 34.41 11.91
CA ASP A 180 -26.67 35.51 11.56
C ASP A 180 -25.25 34.96 11.43
N PHE A 181 -24.78 34.79 10.21
CA PHE A 181 -23.54 34.10 9.95
C PHE A 181 -22.55 34.94 9.18
N VAL A 182 -21.30 34.52 9.27
CA VAL A 182 -20.25 34.93 8.35
C VAL A 182 -19.66 33.67 7.72
N THR A 183 -19.55 33.66 6.40
CA THR A 183 -18.84 32.56 5.73
C THR A 183 -17.56 33.08 5.13
N PHE A 184 -16.45 32.50 5.53
CA PHE A 184 -15.23 32.79 4.82
C PHE A 184 -15.00 31.74 3.74
N ARG A 185 -15.07 32.20 2.49
CA ARG A 185 -14.73 31.40 1.34
C ARG A 185 -13.23 31.51 1.03
N LEU A 186 -12.58 30.36 0.92
CA LEU A 186 -11.12 30.32 0.99
C LEU A 186 -10.58 29.54 -0.19
N ALA A 187 -9.40 29.93 -0.65
CA ALA A 187 -8.69 29.08 -1.58
C ALA A 187 -7.82 28.07 -0.83
N ASN A 188 -6.82 28.55 -0.07
CA ASN A 188 -5.77 27.69 0.52
C ASN A 188 -5.22 28.27 1.82
N VAL A 189 -5.50 27.62 2.93
CA VAL A 189 -5.04 28.04 4.25
C VAL A 189 -3.92 27.09 4.65
N VAL A 190 -2.77 27.65 5.03
CA VAL A 190 -1.60 26.85 5.34
C VAL A 190 -0.91 27.46 6.59
N GLY A 191 0.01 26.71 7.20
CA GLY A 191 0.68 27.20 8.41
C GLY A 191 0.90 26.00 9.32
N PRO A 192 1.22 26.25 10.61
CA PRO A 192 1.31 25.11 11.52
C PRO A 192 -0.03 24.34 11.62
N ARG A 193 0.04 23.02 11.75
CA ARG A 193 -1.14 22.14 11.93
C ARG A 193 -1.84 21.88 10.61
N ASN A 194 -1.22 22.33 9.50
CA ASN A 194 -1.72 22.10 8.16
C ASN A 194 -1.35 20.68 7.81
N VAL A 195 -2.34 19.80 7.69
CA VAL A 195 -2.05 18.39 7.54
C VAL A 195 -2.40 17.91 6.13
N SER A 196 -2.73 18.84 5.24
CA SER A 196 -3.11 18.48 3.90
C SER A 196 -2.56 19.46 2.87
N GLY A 197 -2.24 18.96 1.68
CA GLY A 197 -1.84 19.83 0.55
C GLY A 197 -0.35 19.75 0.38
N PRO A 198 0.22 20.60 -0.51
CA PRO A 198 1.63 20.49 -0.89
C PRO A 198 2.61 20.83 0.24
N LEU A 199 2.19 21.64 1.21
CA LEU A 199 3.15 22.06 2.24
C LEU A 199 3.70 20.84 3.01
N PRO A 200 2.83 20.02 3.67
CA PRO A 200 3.41 18.87 4.38
C PRO A 200 4.06 17.81 3.47
N ILE A 201 3.59 17.71 2.23
CA ILE A 201 4.17 16.75 1.28
C ILE A 201 5.58 17.15 0.93
N PHE A 202 5.77 18.41 0.58
CA PHE A 202 7.12 18.94 0.35
C PHE A 202 8.01 18.67 1.57
N PHE A 203 7.52 18.93 2.78
CA PHE A 203 8.35 18.73 4.00
C PHE A 203 8.79 17.30 4.14
N GLN A 204 7.83 16.37 4.01
CA GLN A 204 8.08 14.95 4.25
C GLN A 204 9.02 14.40 3.21
N ARG A 205 8.75 14.70 1.94
CA ARG A 205 9.53 14.11 0.87
C ARG A 205 10.91 14.71 0.84
N LEU A 206 11.01 16.01 1.14
CA LEU A 206 12.34 16.64 1.25
C LEU A 206 13.16 16.06 2.37
N SER A 207 12.54 15.78 3.53
CA SER A 207 13.16 15.05 4.65
C SER A 207 13.66 13.65 4.34
N GLU A 208 12.94 12.91 3.50
CA GLU A 208 13.29 11.53 3.15
C GLU A 208 14.22 11.44 1.94
N GLY A 209 14.56 12.59 1.36
CA GLY A 209 15.41 12.64 0.19
C GLY A 209 14.66 12.17 -1.05
N LYS A 210 13.34 12.31 -1.07
CA LYS A 210 12.58 11.84 -2.23
C LYS A 210 12.24 12.99 -3.20
N LYS A 211 12.09 12.65 -4.48
CA LYS A 211 11.80 13.61 -5.52
C LYS A 211 10.45 14.29 -5.25
N CYS A 212 10.44 15.60 -5.41
CA CYS A 212 9.24 16.39 -5.27
C CYS A 212 8.79 16.86 -6.65
N PHE A 213 7.48 17.06 -6.81
CA PHE A 213 6.99 17.64 -8.07
C PHE A 213 6.49 19.07 -7.88
N VAL A 214 6.95 19.96 -8.72
CA VAL A 214 6.40 21.32 -8.67
C VAL A 214 5.46 21.47 -9.87
N THR A 215 4.21 21.77 -9.54
CA THR A 215 3.15 21.95 -10.50
C THR A 215 3.22 23.38 -11.03
N LYS A 216 2.99 23.49 -12.34
CA LYS A 216 2.89 24.78 -13.02
C LYS A 216 1.48 25.32 -12.77
N ALA A 217 1.35 25.97 -11.60
CA ALA A 217 0.16 26.62 -11.14
C ALA A 217 0.56 27.72 -10.19
N ARG A 218 -0.37 28.64 -9.98
CA ARG A 218 -0.18 29.75 -9.06
C ARG A 218 -1.39 29.74 -8.14
N ARG A 219 -1.16 29.89 -6.85
CA ARG A 219 -2.25 29.81 -5.89
C ARG A 219 -2.14 30.84 -4.80
N ASP A 220 -3.30 31.15 -4.23
CA ASP A 220 -3.33 32.11 -3.14
C ASP A 220 -3.29 31.32 -1.86
N PHE A 221 -2.23 31.52 -1.08
CA PHE A 221 -2.06 30.88 0.18
C PHE A 221 -2.27 31.90 1.31
N VAL A 222 -3.23 31.63 2.18
CA VAL A 222 -3.49 32.46 3.36
C VAL A 222 -2.95 31.77 4.63
N PHE A 223 -2.29 32.55 5.49
CA PHE A 223 -1.75 32.05 6.78
C PHE A 223 -2.89 31.80 7.78
N VAL A 224 -2.90 30.62 8.41
CA VAL A 224 -3.97 30.29 9.37
C VAL A 224 -4.22 31.35 10.44
N LYS A 225 -3.15 31.98 10.94
CA LYS A 225 -3.28 32.95 12.02
C LYS A 225 -3.97 34.19 11.52
N ASP A 226 -3.72 34.59 10.28
CA ASP A 226 -4.49 35.71 9.69
C ASP A 226 -6.00 35.44 9.72
N LEU A 227 -6.40 34.25 9.27
CA LEU A 227 -7.80 33.82 9.27
C LEU A 227 -8.40 33.71 10.67
N ALA A 228 -7.63 33.16 11.61
CA ALA A 228 -8.12 33.04 12.99
C ALA A 228 -8.43 34.40 13.60
N ARG A 229 -7.55 35.39 13.37
CA ARG A 229 -7.78 36.74 13.88
C ARG A 229 -9.06 37.31 13.31
N ALA A 230 -9.24 37.18 12.01
CA ALA A 230 -10.46 37.68 11.39
C ALA A 230 -11.71 36.95 11.90
N THR A 231 -11.54 35.65 12.21
CA THR A 231 -12.64 34.86 12.83
C THR A 231 -13.08 35.38 14.19
N VAL A 232 -12.11 35.70 15.07
CA VAL A 232 -12.38 36.29 16.38
C VAL A 232 -13.23 37.57 16.25
N ARG A 233 -12.97 38.37 15.20
CA ARG A 233 -13.77 39.56 14.88
C ARG A 233 -15.20 39.28 14.42
N ALA A 234 -15.34 38.28 13.56
CA ALA A 234 -16.67 37.85 13.10
C ALA A 234 -17.44 37.31 14.28
N VAL A 235 -16.75 36.67 15.22
CA VAL A 235 -17.36 36.17 16.46
C VAL A 235 -17.93 37.35 17.27
N ASP A 236 -17.16 38.45 17.30
CA ASP A 236 -17.52 39.68 17.99
C ASP A 236 -18.44 40.61 17.20
N GLY A 237 -18.97 40.13 16.07
CA GLY A 237 -20.00 40.87 15.35
C GLY A 237 -19.64 41.50 14.01
N VAL A 238 -18.37 41.41 13.61
CA VAL A 238 -17.95 42.02 12.33
C VAL A 238 -18.33 41.14 11.14
N GLY A 239 -18.95 41.74 10.13
CA GLY A 239 -19.29 41.02 8.90
C GLY A 239 -20.68 40.40 8.94
N HIS A 240 -21.32 40.31 7.77
CA HIS A 240 -22.57 39.54 7.60
C HIS A 240 -22.57 38.79 6.25
N GLY A 241 -22.68 37.47 6.27
CA GLY A 241 -22.84 36.76 5.00
C GLY A 241 -21.52 36.24 4.45
N ALA A 242 -21.48 35.95 3.15
CA ALA A 242 -20.30 35.34 2.53
C ALA A 242 -19.23 36.36 2.18
N TYR A 243 -17.97 35.96 2.38
CA TYR A 243 -16.83 36.80 2.10
C TYR A 243 -15.74 35.96 1.48
N HIS A 244 -14.90 36.61 0.70
CA HIS A 244 -13.64 36.02 0.28
C HIS A 244 -12.56 36.43 1.25
N PHE A 245 -11.97 35.45 1.92
CA PHE A 245 -10.78 35.69 2.72
C PHE A 245 -9.55 35.33 1.90
N SER A 246 -9.00 36.35 1.27
CA SER A 246 -7.89 36.23 0.33
C SER A 246 -7.15 37.57 0.28
N SER A 247 -5.91 37.54 -0.20
CA SER A 247 -5.17 38.80 -0.47
C SER A 247 -5.49 39.36 -1.86
N GLY A 248 -6.20 38.58 -2.68
CA GLY A 248 -6.40 38.93 -4.09
C GLY A 248 -5.19 38.60 -4.98
N THR A 249 -4.12 38.12 -4.38
CA THR A 249 -2.87 37.82 -5.08
C THR A 249 -2.58 36.31 -5.05
N ASP A 250 -1.59 35.87 -5.82
CA ASP A 250 -1.24 34.46 -5.84
C ASP A 250 0.27 34.24 -6.00
N VAL A 251 0.69 32.97 -5.90
CA VAL A 251 2.10 32.65 -5.93
C VAL A 251 2.31 31.32 -6.67
N ALA A 252 3.41 31.19 -7.44
CA ALA A 252 3.78 29.94 -8.10
C ALA A 252 4.02 28.85 -7.08
N ILE A 253 3.72 27.61 -7.44
CA ILE A 253 3.99 26.50 -6.53
C ILE A 253 5.51 26.41 -6.30
N LYS A 254 6.28 26.77 -7.31
CA LYS A 254 7.72 26.76 -7.23
C LYS A 254 8.26 27.66 -6.09
N GLU A 255 7.63 28.81 -5.90
CA GLU A 255 7.98 29.74 -4.84
C GLU A 255 7.67 29.10 -3.52
N LEU A 256 6.59 28.30 -3.46
CA LEU A 256 6.23 27.67 -2.20
C LEU A 256 7.29 26.61 -1.87
N TYR A 257 7.58 25.76 -2.86
CA TYR A 257 8.60 24.75 -2.73
C TYR A 257 9.94 25.37 -2.28
N ASP A 258 10.34 26.48 -2.90
CA ASP A 258 11.61 27.12 -2.60
C ASP A 258 11.67 27.68 -1.16
N ALA A 259 10.55 28.20 -0.67
CA ALA A 259 10.41 28.67 0.71
C ALA A 259 10.55 27.49 1.69
N VAL A 260 9.96 26.34 1.36
CA VAL A 260 10.12 25.12 2.17
C VAL A 260 11.60 24.69 2.22
N VAL A 261 12.26 24.62 1.07
CA VAL A 261 13.64 24.24 1.01
C VAL A 261 14.46 25.20 1.88
N GLU A 262 14.19 26.49 1.77
CA GLU A 262 14.94 27.47 2.55
C GLU A 262 14.63 27.45 4.06
N ALA A 263 13.36 27.30 4.44
CA ALA A 263 13.00 27.13 5.88
C ALA A 263 13.61 25.89 6.52
N MET A 264 13.77 24.83 5.71
CA MET A 264 14.37 23.61 6.16
C MET A 264 15.89 23.67 6.21
N ALA A 265 16.47 24.77 5.74
CA ALA A 265 17.92 25.00 5.82
C ALA A 265 18.72 23.87 5.15
N LEU A 266 18.19 23.35 4.04
CA LEU A 266 18.84 22.24 3.32
C LEU A 266 20.15 22.74 2.70
N PRO A 267 21.23 21.94 2.83
CA PRO A 267 22.57 22.26 2.28
C PRO A 267 22.65 22.46 0.76
N SER A 268 21.92 21.64 0.01
CA SER A 268 21.97 21.64 -1.45
C SER A 268 20.56 21.79 -1.93
N TYR A 269 20.36 22.49 -3.05
CA TYR A 269 19.03 22.71 -3.62
C TYR A 269 18.52 21.49 -4.38
N PRO A 270 17.48 20.82 -3.85
CA PRO A 270 17.00 19.62 -4.55
C PRO A 270 16.09 20.03 -5.70
N GLU A 271 16.56 19.77 -6.91
CA GLU A 271 15.87 20.17 -8.12
C GLU A 271 14.54 19.42 -8.20
N PRO A 272 13.43 20.17 -8.25
CA PRO A 272 12.16 19.46 -8.31
C PRO A 272 11.86 19.01 -9.73
N GLU A 273 10.99 18.02 -9.86
CA GLU A 273 10.42 17.68 -11.17
C GLU A 273 9.28 18.67 -11.43
N ILE A 274 9.12 19.06 -12.69
CA ILE A 274 8.11 19.98 -13.10
C ILE A 274 6.97 19.20 -13.78
N ARG A 275 5.73 19.55 -13.45
CA ARG A 275 4.56 18.92 -14.05
C ARG A 275 3.54 19.98 -14.39
N GLU A 276 2.55 19.59 -15.18
CA GLU A 276 1.46 20.47 -15.55
C GLU A 276 0.33 20.20 -14.59
N LEU A 277 -0.58 21.15 -14.42
CA LEU A 277 -1.79 20.96 -13.66
C LEU A 277 -2.58 19.81 -14.32
N GLY A 278 -2.99 18.83 -13.52
CA GLY A 278 -3.70 17.68 -14.09
C GLY A 278 -5.21 17.78 -13.91
N PRO A 279 -5.96 16.84 -14.55
CA PRO A 279 -7.45 16.94 -14.56
C PRO A 279 -8.11 16.80 -13.19
N ASP A 280 -7.39 16.22 -12.23
CA ASP A 280 -7.91 16.06 -10.86
C ASP A 280 -7.40 17.14 -9.89
N ASP A 281 -6.50 18.01 -10.36
CA ASP A 281 -6.02 19.14 -9.58
C ASP A 281 -7.03 20.28 -9.76
N ALA A 282 -7.14 21.12 -8.73
CA ALA A 282 -8.04 22.27 -8.80
C ALA A 282 -7.39 23.38 -9.60
N PRO A 283 -8.16 24.19 -10.34
CA PRO A 283 -7.60 25.32 -11.15
C PRO A 283 -7.09 26.53 -10.33
N SER A 284 -6.32 27.42 -10.97
CA SER A 284 -5.75 28.57 -10.29
C SER A 284 -6.85 29.64 -10.09
N ILE A 285 -7.75 29.42 -9.12
CA ILE A 285 -8.89 30.36 -8.83
C ILE A 285 -8.55 31.58 -7.91
N LEU A 286 -8.60 32.78 -8.49
CA LEU A 286 -8.31 34.02 -7.77
C LEU A 286 -9.60 34.73 -7.29
N LEU A 287 -9.61 35.17 -6.04
CA LEU A 287 -10.83 35.67 -5.40
C LEU A 287 -10.76 37.17 -5.16
N ASP A 288 -11.87 37.84 -5.41
CA ASP A 288 -11.98 39.26 -5.21
C ASP A 288 -12.27 39.59 -3.74
N PRO A 289 -11.30 40.29 -3.09
CA PRO A 289 -11.34 40.64 -1.67
C PRO A 289 -12.09 41.95 -1.34
N SER A 290 -12.66 42.60 -2.34
CA SER A 290 -13.21 43.95 -2.17
C SER A 290 -14.19 44.11 -0.99
N ARG A 291 -15.11 43.15 -0.82
CA ARG A 291 -16.12 43.24 0.25
C ARG A 291 -15.53 43.04 1.62
N THR A 292 -14.46 42.25 1.68
CA THR A 292 -13.72 41.96 2.90
C THR A 292 -12.93 43.17 3.39
N ILE A 293 -12.28 43.89 2.46
CA ILE A 293 -11.62 45.19 2.74
C ILE A 293 -12.66 46.18 3.23
N GLN A 294 -13.79 46.24 2.55
CA GLN A 294 -14.90 47.10 2.93
C GLN A 294 -15.34 46.91 4.39
N ASP A 295 -15.59 45.65 4.79
CA ASP A 295 -16.17 45.30 6.09
C ASP A 295 -15.16 44.89 7.17
N PHE A 296 -14.01 44.36 6.74
CA PHE A 296 -12.99 43.97 7.69
C PHE A 296 -11.80 44.93 7.65
N GLY A 297 -11.79 45.84 6.68
CA GLY A 297 -10.63 46.73 6.49
C GLY A 297 -9.47 46.05 5.79
N LYS A 298 -8.45 46.84 5.48
CA LYS A 298 -7.25 46.33 4.83
C LYS A 298 -6.48 45.54 5.85
N ILE A 299 -6.31 44.26 5.59
CA ILE A 299 -5.60 43.36 6.50
C ILE A 299 -4.13 43.26 6.11
N GLU A 300 -3.25 43.21 7.12
CA GLU A 300 -1.85 42.90 6.91
C GLU A 300 -1.70 41.38 6.87
N PHE A 301 -1.65 40.83 5.66
CA PHE A 301 -1.45 39.40 5.46
C PHE A 301 0.02 39.01 5.72
N THR A 302 0.23 37.97 6.51
CA THR A 302 1.56 37.46 6.81
C THR A 302 2.32 37.03 5.53
N PRO A 303 3.58 37.48 5.35
CA PRO A 303 4.33 37.05 4.18
C PRO A 303 4.54 35.54 4.11
N LEU A 304 4.77 35.04 2.91
CA LEU A 304 4.94 33.61 2.67
C LEU A 304 6.10 33.01 3.45
N LYS A 305 7.25 33.70 3.45
CA LYS A 305 8.43 33.25 4.21
C LYS A 305 8.13 32.98 5.70
N GLU A 306 7.44 33.91 6.34
CA GLU A 306 6.98 33.72 7.69
C GLU A 306 5.96 32.58 7.88
N THR A 307 4.95 32.53 7.00
CA THR A 307 3.96 31.43 7.00
C THR A 307 4.64 30.06 6.95
N VAL A 308 5.57 29.92 6.02
CA VAL A 308 6.27 28.68 5.74
C VAL A 308 7.20 28.36 6.90
N ALA A 309 7.93 29.36 7.42
CA ALA A 309 8.76 29.12 8.61
C ALA A 309 8.00 28.55 9.82
N ALA A 310 6.87 29.13 10.18
CA ALA A 310 6.01 28.56 11.23
C ALA A 310 5.52 27.13 10.87
N ALA A 311 5.25 26.85 9.61
CA ALA A 311 4.82 25.48 9.28
C ALA A 311 5.95 24.50 9.47
N VAL A 312 7.15 24.86 9.02
CA VAL A 312 8.29 23.91 9.08
C VAL A 312 8.72 23.66 10.54
N ALA A 313 8.65 24.69 11.38
CA ALA A 313 8.90 24.51 12.83
C ALA A 313 7.90 23.52 13.44
N TYR A 314 6.62 23.68 13.11
CA TYR A 314 5.58 22.73 13.51
C TYR A 314 5.89 21.29 13.04
N PHE A 315 6.20 21.12 11.77
CA PHE A 315 6.52 19.80 11.21
C PHE A 315 7.75 19.21 11.89
N ARG A 316 8.78 20.03 12.13
CA ARG A 316 9.92 19.55 12.87
CA ARG A 316 9.96 19.54 12.83
C ARG A 316 9.58 19.03 14.23
N GLU A 317 8.64 19.71 14.90
CA GLU A 317 8.20 19.31 16.25
C GLU A 317 7.27 18.08 16.28
N TYR A 318 6.14 18.17 15.57
CA TYR A 318 5.11 17.13 15.67
C TYR A 318 5.12 16.13 14.52
N GLY A 319 5.98 16.35 13.53
CA GLY A 319 6.00 15.53 12.31
C GLY A 319 4.76 15.69 11.45
N VAL A 320 4.73 14.98 10.32
CA VAL A 320 3.60 15.08 9.39
C VAL A 320 2.63 13.91 9.60
N HIS B 20 12.24 -24.17 31.99
CA HIS B 20 10.88 -23.78 32.50
C HIS B 20 10.30 -22.50 31.83
N MET B 21 11.15 -21.73 31.16
CA MET B 21 10.74 -20.46 30.49
C MET B 21 11.31 -20.39 29.07
N LYS B 22 10.48 -20.74 28.10
CA LYS B 22 10.78 -20.47 26.70
C LYS B 22 10.66 -18.98 26.42
N LYS B 23 11.40 -18.55 25.41
CA LYS B 23 11.33 -17.20 24.89
C LYS B 23 10.66 -17.26 23.54
N VAL B 24 9.55 -16.54 23.40
CA VAL B 24 8.75 -16.59 22.17
C VAL B 24 8.48 -15.18 21.65
N PHE B 25 8.80 -14.94 20.39
CA PHE B 25 8.48 -13.66 19.75
C PHE B 25 7.18 -13.79 18.90
N ILE B 26 6.17 -12.96 19.18
CA ILE B 26 4.90 -13.02 18.43
C ILE B 26 4.69 -11.77 17.58
N THR B 27 4.38 -11.95 16.28
CA THR B 27 4.05 -10.81 15.44
C THR B 27 2.53 -10.74 15.36
N GLY B 28 1.95 -9.52 15.31
CA GLY B 28 0.52 -9.42 15.26
C GLY B 28 -0.07 -9.90 16.56
N ILE B 29 0.61 -9.55 17.66
CA ILE B 29 0.26 -10.07 18.99
C ILE B 29 -1.08 -9.51 19.51
N CYS B 30 -1.58 -8.39 18.97
CA CYS B 30 -2.85 -7.87 19.46
C CYS B 30 -4.02 -8.33 18.58
N GLY B 31 -3.76 -9.25 17.63
CA GLY B 31 -4.82 -9.84 16.79
C GLY B 31 -5.53 -11.03 17.39
N GLN B 32 -6.56 -11.52 16.72
CA GLN B 32 -7.31 -12.65 17.20
C GLN B 32 -6.43 -13.82 17.59
N ILE B 33 -5.67 -14.32 16.64
CA ILE B 33 -4.86 -15.52 16.88
C ILE B 33 -3.63 -15.25 17.76
N GLY B 34 -2.90 -14.17 17.50
CA GLY B 34 -1.67 -13.88 18.26
C GLY B 34 -1.88 -13.69 19.75
N SER B 35 -2.96 -12.98 20.12
CA SER B 35 -3.21 -12.63 21.53
C SER B 35 -3.60 -13.84 22.35
N HIS B 36 -4.38 -14.76 21.75
CA HIS B 36 -4.78 -16.01 22.40
C HIS B 36 -3.56 -16.93 22.58
N ILE B 37 -2.68 -16.97 21.62
CA ILE B 37 -1.42 -17.69 21.77
C ILE B 37 -0.56 -17.05 22.91
N ALA B 38 -0.42 -15.73 22.93
CA ALA B 38 0.33 -15.03 24.01
C ALA B 38 -0.16 -15.40 25.38
N GLU B 39 -1.48 -15.39 25.57
CA GLU B 39 -2.08 -15.76 26.84
C GLU B 39 -1.71 -17.15 27.32
N LEU B 40 -1.77 -18.14 26.41
CA LEU B 40 -1.43 -19.51 26.74
C LEU B 40 0.02 -19.60 27.19
N LEU B 41 0.93 -18.97 26.43
CA LEU B 41 2.36 -18.97 26.75
C LEU B 41 2.69 -18.29 28.08
N LEU B 42 2.03 -17.16 28.32
CA LEU B 42 2.29 -16.40 29.54
C LEU B 42 1.81 -17.12 30.78
N GLU B 43 0.66 -17.79 30.69
CA GLU B 43 0.08 -18.42 31.90
C GLU B 43 0.89 -19.62 32.34
N ARG B 44 1.62 -20.21 31.39
CA ARG B 44 2.45 -21.36 31.72
C ARG B 44 3.86 -21.00 32.15
N GLY B 45 4.21 -19.71 32.14
CA GLY B 45 5.53 -19.27 32.62
C GLY B 45 6.51 -18.83 31.54
N ASP B 46 6.11 -18.87 30.28
CA ASP B 46 7.02 -18.40 29.19
C ASP B 46 7.22 -16.87 29.14
N LYS B 47 8.31 -16.48 28.48
CA LYS B 47 8.60 -15.08 28.27
C LYS B 47 8.16 -14.73 26.86
N VAL B 48 7.29 -13.73 26.74
CA VAL B 48 6.76 -13.34 25.44
C VAL B 48 7.13 -11.89 25.09
N VAL B 49 7.69 -11.69 23.89
CA VAL B 49 7.84 -10.37 23.32
C VAL B 49 6.96 -10.30 22.06
N GLY B 50 6.17 -9.23 21.93
CA GLY B 50 5.30 -9.14 20.75
C GLY B 50 5.28 -7.77 20.09
N ILE B 51 4.88 -7.74 18.82
CA ILE B 51 4.82 -6.51 18.02
C ILE B 51 3.47 -6.40 17.30
N ASP B 52 2.90 -5.20 17.30
CA ASP B 52 1.63 -4.97 16.58
C ASP B 52 1.55 -3.52 16.13
N ASN B 53 1.06 -3.26 14.91
CA ASN B 53 0.86 -1.85 14.45
C ASN B 53 -0.59 -1.35 14.56
N PHE B 54 -1.45 -2.20 15.13
CA PHE B 54 -2.88 -1.91 15.19
C PHE B 54 -3.55 -1.63 13.84
N ALA B 55 -3.03 -2.20 12.76
CA ALA B 55 -3.77 -2.15 11.49
C ALA B 55 -5.16 -2.76 11.64
N THR B 56 -5.27 -3.85 12.41
CA THR B 56 -6.58 -4.49 12.65
C THR B 56 -6.83 -4.90 14.11
N GLY B 57 -5.77 -5.18 14.86
CA GLY B 57 -5.93 -5.70 16.20
C GLY B 57 -6.11 -4.53 17.14
N ARG B 58 -6.20 -4.82 18.43
CA ARG B 58 -6.52 -3.78 19.44
C ARG B 58 -5.66 -3.97 20.64
N ARG B 59 -5.26 -2.88 21.28
CA ARG B 59 -4.43 -2.98 22.49
C ARG B 59 -5.09 -3.78 23.59
N GLU B 60 -6.43 -3.72 23.67
CA GLU B 60 -7.21 -4.32 24.75
C GLU B 60 -7.24 -5.84 24.63
N HIS B 61 -6.82 -6.36 23.49
CA HIS B 61 -6.73 -7.80 23.22
C HIS B 61 -5.60 -8.45 23.96
N LEU B 62 -4.63 -7.64 24.37
CA LEU B 62 -3.42 -8.12 25.03
C LEU B 62 -3.29 -7.53 26.43
N LYS B 63 -3.68 -8.36 27.40
CA LYS B 63 -3.63 -7.98 28.79
C LYS B 63 -2.19 -7.99 29.31
N ASP B 64 -1.91 -7.07 30.21
CA ASP B 64 -0.60 -6.96 30.80
C ASP B 64 -0.17 -8.16 31.64
N HIS B 65 1.14 -8.41 31.64
CA HIS B 65 1.70 -9.57 32.32
C HIS B 65 3.15 -9.32 32.58
N PRO B 66 3.65 -9.73 33.77
CA PRO B 66 5.06 -9.57 34.14
C PRO B 66 6.07 -10.15 33.14
N ASN B 67 5.67 -11.18 32.38
CA ASN B 67 6.62 -11.80 31.45
C ASN B 67 6.37 -11.40 30.04
N LEU B 68 5.55 -10.37 29.87
CA LEU B 68 5.21 -9.83 28.54
C LEU B 68 5.91 -8.50 28.30
N THR B 69 6.59 -8.41 27.15
CA THR B 69 7.03 -7.13 26.60
C THR B 69 6.29 -6.84 25.28
N PHE B 70 5.53 -5.75 25.27
CA PHE B 70 4.84 -5.27 24.08
C PHE B 70 5.52 -4.09 23.39
N VAL B 71 5.61 -4.17 22.07
CA VAL B 71 6.23 -3.14 21.24
C VAL B 71 5.27 -2.75 20.13
N GLU B 72 4.88 -1.47 20.07
CA GLU B 72 4.08 -0.95 18.93
C GLU B 72 5.00 -0.66 17.75
N GLY B 73 4.72 -1.26 16.61
CA GLY B 73 5.58 -1.05 15.47
C GLY B 73 5.12 -1.93 14.33
N SER B 74 5.81 -1.80 13.21
CA SER B 74 5.54 -2.57 12.00
C SER B 74 6.65 -3.60 11.71
N ILE B 75 6.27 -4.83 11.40
CA ILE B 75 7.24 -5.83 10.96
C ILE B 75 7.91 -5.47 9.62
N ALA B 76 7.36 -4.49 8.91
CA ALA B 76 8.00 -3.96 7.71
C ALA B 76 9.33 -3.27 8.08
N ASP B 77 9.54 -2.92 9.33
CA ASP B 77 10.72 -2.18 9.76
C ASP B 77 11.83 -3.20 9.98
N HIS B 78 12.69 -3.37 8.98
CA HIS B 78 13.73 -4.39 9.02
C HIS B 78 14.61 -4.27 10.29
N ALA B 79 14.99 -3.04 10.68
CA ALA B 79 15.90 -2.85 11.79
C ALA B 79 15.25 -3.20 13.13
N LEU B 80 14.02 -2.72 13.35
CA LEU B 80 13.22 -3.11 14.52
C LEU B 80 13.08 -4.64 14.70
N VAL B 81 12.71 -5.35 13.66
CA VAL B 81 12.51 -6.78 13.77
C VAL B 81 13.82 -7.47 14.19
N ASN B 82 14.88 -7.10 13.51
CA ASN B 82 16.17 -7.70 13.74
C ASN B 82 16.69 -7.40 15.17
N GLN B 83 16.41 -6.20 15.67
CA GLN B 83 16.73 -5.80 17.04
C GLN B 83 15.87 -6.59 18.09
N LEU B 84 14.54 -6.63 17.89
CA LEU B 84 13.65 -7.41 18.80
C LEU B 84 14.02 -8.88 18.89
N ILE B 85 14.17 -9.55 17.75
CA ILE B 85 14.53 -10.98 17.71
C ILE B 85 16.02 -11.19 18.12
N GLY B 86 16.88 -10.29 17.63
CA GLY B 86 18.29 -10.28 17.97
C GLY B 86 18.48 -10.17 19.48
N ASP B 87 17.81 -9.22 20.12
CA ASP B 87 17.92 -9.02 21.57
C ASP B 87 17.34 -10.19 22.39
N LEU B 88 16.24 -10.80 21.93
CA LEU B 88 15.59 -11.87 22.70
C LEU B 88 16.23 -13.22 22.52
N GLN B 89 16.73 -13.50 21.33
CA GLN B 89 17.14 -14.88 20.97
C GLN B 89 15.99 -15.87 21.27
N PRO B 90 14.87 -15.73 20.53
CA PRO B 90 13.72 -16.60 20.92
C PRO B 90 13.98 -18.07 20.62
N ASP B 91 13.33 -18.93 21.41
CA ASP B 91 13.23 -20.34 21.12
C ASP B 91 12.29 -20.52 19.94
N ALA B 92 11.34 -19.60 19.80
CA ALA B 92 10.33 -19.71 18.74
C ALA B 92 9.79 -18.36 18.30
N VAL B 93 9.45 -18.29 17.02
CA VAL B 93 8.73 -17.16 16.44
C VAL B 93 7.34 -17.65 15.96
N VAL B 94 6.32 -16.93 16.45
CA VAL B 94 4.94 -17.16 16.02
C VAL B 94 4.53 -15.96 15.17
N HIS B 95 4.41 -16.19 13.85
CA HIS B 95 4.21 -15.12 12.91
C HIS B 95 2.74 -15.02 12.48
N THR B 96 1.95 -14.18 13.17
CA THR B 96 0.54 -14.02 12.85
C THR B 96 0.27 -12.70 12.11
N ALA B 97 1.22 -11.76 12.12
CA ALA B 97 0.93 -10.43 11.54
C ALA B 97 0.67 -10.49 10.04
N ALA B 98 -0.45 -9.91 9.59
CA ALA B 98 -0.78 -9.89 8.16
C ALA B 98 -1.60 -8.66 7.82
N SER B 99 -1.37 -8.13 6.63
CA SER B 99 -2.24 -7.08 6.10
C SER B 99 -3.25 -7.73 5.12
N TYR B 100 -4.52 -7.32 5.17
CA TYR B 100 -5.58 -7.91 4.38
C TYR B 100 -6.83 -7.02 4.24
N LYS B 101 -7.06 -6.09 5.18
CA LYS B 101 -8.45 -5.55 5.35
C LYS B 101 -9.03 -4.77 4.17
N ASP B 102 -8.15 -4.20 3.32
CA ASP B 102 -8.61 -3.47 2.13
C ASP B 102 -8.02 -4.18 0.90
N PRO B 103 -8.88 -4.87 0.11
CA PRO B 103 -8.39 -5.63 -1.06
C PRO B 103 -7.67 -4.82 -2.12
N ASP B 104 -7.87 -3.52 -2.12
CA ASP B 104 -7.25 -2.69 -3.10
C ASP B 104 -5.96 -2.11 -2.53
N ASP B 105 -5.66 -2.42 -1.27
CA ASP B 105 -4.45 -1.86 -0.66
C ASP B 105 -3.28 -2.82 -0.87
N TRP B 106 -2.84 -2.94 -2.12
CA TRP B 106 -1.69 -3.79 -2.50
C TRP B 106 -0.41 -3.37 -1.83
N TYR B 107 -0.29 -2.08 -1.57
CA TYR B 107 0.92 -1.56 -1.00
C TYR B 107 1.16 -2.13 0.43
N ASN B 108 0.20 -1.98 1.32
CA ASN B 108 0.33 -2.49 2.66
C ASN B 108 0.40 -4.01 2.73
N ASP B 109 -0.38 -4.70 1.88
CA ASP B 109 -0.35 -6.14 1.79
C ASP B 109 1.03 -6.62 1.45
N THR B 110 1.67 -6.00 0.46
CA THR B 110 3.03 -6.42 0.09
C THR B 110 4.10 -5.91 1.09
N LEU B 111 3.93 -4.71 1.62
CA LEU B 111 4.84 -4.17 2.64
C LEU B 111 4.78 -4.97 3.95
N THR B 112 3.58 -5.34 4.41
CA THR B 112 3.46 -6.19 5.59
C THR B 112 3.77 -7.68 5.30
N ASN B 113 3.04 -8.27 4.35
CA ASN B 113 3.14 -9.70 4.06
C ASN B 113 4.40 -10.12 3.40
N CYS B 114 4.93 -9.30 2.49
CA CYS B 114 6.13 -9.66 1.72
C CYS B 114 7.39 -9.10 2.37
N VAL B 115 7.52 -7.79 2.44
CA VAL B 115 8.67 -7.15 3.13
C VAL B 115 8.65 -7.54 4.60
N GLY B 116 7.61 -7.15 5.34
CA GLY B 116 7.47 -7.54 6.75
C GLY B 116 7.62 -9.04 6.97
N GLY B 117 6.90 -9.82 6.16
CA GLY B 117 6.94 -11.27 6.31
C GLY B 117 8.30 -11.89 6.06
N SER B 118 8.95 -11.53 4.95
CA SER B 118 10.36 -11.96 4.74
C SER B 118 11.34 -11.45 5.82
N ASN B 119 11.14 -10.23 6.35
CA ASN B 119 11.94 -9.71 7.51
C ASN B 119 11.93 -10.69 8.68
N VAL B 120 10.74 -11.11 9.06
CA VAL B 120 10.48 -11.98 10.20
C VAL B 120 11.10 -13.37 10.01
N VAL B 121 10.91 -13.95 8.84
CA VAL B 121 11.49 -15.20 8.48
C VAL B 121 13.02 -15.09 8.51
N GLN B 122 13.59 -14.11 7.85
CA GLN B 122 15.05 -14.05 7.77
C GLN B 122 15.70 -13.78 9.14
N ALA B 123 15.10 -12.91 9.95
CA ALA B 123 15.65 -12.60 11.28
C ALA B 123 15.64 -13.83 12.20
N ALA B 124 14.58 -14.62 12.10
CA ALA B 124 14.48 -15.86 12.80
C ALA B 124 15.64 -16.79 12.36
N LYS B 125 15.87 -16.94 11.06
CA LYS B 125 16.92 -17.82 10.56
C LYS B 125 18.31 -17.31 11.01
N LYS B 126 18.56 -16.03 10.83
CA LYS B 126 19.85 -15.41 11.23
C LYS B 126 20.14 -15.65 12.72
N ASN B 127 19.09 -15.73 13.53
CA ASN B 127 19.25 -15.89 14.97
C ASN B 127 19.01 -17.33 15.45
N ASN B 128 19.08 -18.27 14.52
CA ASN B 128 19.03 -19.70 14.86
C ASN B 128 17.81 -20.07 15.69
N VAL B 129 16.65 -19.50 15.35
CA VAL B 129 15.42 -19.70 16.12
C VAL B 129 15.02 -21.16 15.85
N GLY B 130 14.75 -21.95 16.89
CA GLY B 130 14.50 -23.38 16.73
C GLY B 130 13.19 -23.78 16.06
N ARG B 131 12.14 -22.97 16.31
CA ARG B 131 10.78 -23.26 15.85
C ARG B 131 10.10 -21.99 15.28
N PHE B 132 9.41 -22.10 14.14
CA PHE B 132 8.73 -20.95 13.53
C PHE B 132 7.32 -21.43 13.22
N VAL B 133 6.30 -20.70 13.67
CA VAL B 133 4.91 -21.11 13.41
C VAL B 133 4.30 -19.98 12.58
N TYR B 134 3.69 -20.37 11.45
CA TYR B 134 3.08 -19.48 10.48
C TYR B 134 1.63 -19.87 10.24
N PHE B 135 0.83 -18.93 9.73
CA PHE B 135 -0.62 -19.08 9.53
C PHE B 135 -0.92 -18.63 8.12
N GLN B 136 -1.59 -19.51 7.36
CA GLN B 136 -1.70 -19.25 5.95
C GLN B 136 -3.15 -19.46 5.57
N THR B 137 -3.61 -18.70 4.58
CA THR B 137 -4.97 -18.87 4.03
C THR B 137 -5.08 -20.02 3.00
N ALA B 138 -6.16 -20.81 3.12
CA ALA B 138 -6.42 -21.87 2.14
C ALA B 138 -6.73 -21.34 0.75
N LEU B 139 -6.89 -20.01 0.61
CA LEU B 139 -6.88 -19.34 -0.73
C LEU B 139 -5.59 -19.48 -1.54
N CYS B 140 -4.50 -19.92 -0.91
CA CYS B 140 -3.30 -20.40 -1.63
C CYS B 140 -3.66 -21.43 -2.74
N TYR B 141 -4.75 -22.16 -2.51
CA TYR B 141 -5.26 -23.21 -3.42
C TYR B 141 -6.16 -22.71 -4.54
N GLY B 142 -6.61 -21.47 -4.45
CA GLY B 142 -7.56 -20.91 -5.40
C GLY B 142 -8.94 -20.82 -4.80
N VAL B 143 -9.82 -20.07 -5.44
CA VAL B 143 -11.23 -19.93 -4.99
C VAL B 143 -12.09 -21.18 -5.26
N LYS B 144 -11.78 -21.94 -6.30
CA LYS B 144 -12.54 -23.15 -6.57
C LYS B 144 -11.57 -24.29 -6.80
N PRO B 145 -11.19 -25.01 -5.71
CA PRO B 145 -10.23 -26.12 -5.80
C PRO B 145 -10.71 -27.30 -6.65
N ILE B 146 -9.76 -28.09 -7.15
CA ILE B 146 -10.00 -29.23 -8.04
C ILE B 146 -9.89 -30.58 -7.30
N GLN B 147 -9.74 -30.51 -5.97
CA GLN B 147 -9.87 -31.69 -5.12
C GLN B 147 -10.92 -31.38 -4.07
N GLN B 148 -11.65 -32.42 -3.67
CA GLN B 148 -12.57 -32.37 -2.55
C GLN B 148 -12.58 -33.73 -1.89
N PRO B 149 -12.07 -33.85 -0.63
CA PRO B 149 -11.42 -32.76 0.17
C PRO B 149 -10.10 -32.25 -0.42
N VAL B 150 -9.71 -31.00 -0.10
CA VAL B 150 -8.45 -30.43 -0.60
C VAL B 150 -7.32 -31.09 0.19
N ARG B 151 -6.34 -31.58 -0.55
CA ARG B 151 -5.15 -32.22 0.03
C ARG B 151 -3.97 -31.23 0.01
N LEU B 152 -2.92 -31.58 0.77
CA LEU B 152 -1.78 -30.72 0.89
C LEU B 152 -0.95 -30.66 -0.40
N ASP B 153 -1.22 -31.58 -1.35
CA ASP B 153 -0.50 -31.55 -2.60
C ASP B 153 -1.26 -30.84 -3.71
N HIS B 154 -2.40 -30.27 -3.35
CA HIS B 154 -3.20 -29.48 -4.28
C HIS B 154 -2.33 -28.38 -4.89
N PRO B 155 -2.46 -28.19 -6.22
CA PRO B 155 -1.75 -27.17 -6.95
C PRO B 155 -1.99 -25.78 -6.33
N ARG B 156 -0.96 -24.99 -6.30
CA ARG B 156 -1.03 -23.62 -5.76
C ARG B 156 -1.55 -22.67 -6.86
N ASN B 157 -2.60 -21.94 -6.52
CA ASN B 157 -3.23 -20.99 -7.41
C ASN B 157 -3.53 -19.70 -6.63
N PRO B 158 -2.46 -19.00 -6.13
CA PRO B 158 -2.70 -17.88 -5.21
C PRO B 158 -3.09 -16.53 -5.82
N ALA B 159 -3.13 -16.41 -7.15
CA ALA B 159 -3.34 -15.13 -7.81
C ALA B 159 -4.80 -14.73 -7.94
N ASN B 160 -5.54 -14.88 -6.84
CA ASN B 160 -6.95 -14.50 -6.80
C ASN B 160 -7.31 -13.32 -5.92
N SER B 161 -6.32 -12.74 -5.23
CA SER B 161 -6.53 -11.57 -4.39
C SER B 161 -5.16 -11.10 -3.96
N SER B 162 -5.07 -9.84 -3.57
CA SER B 162 -3.84 -9.29 -3.04
C SER B 162 -3.40 -10.06 -1.79
N TYR B 163 -4.37 -10.32 -0.91
CA TYR B 163 -4.18 -11.11 0.29
C TYR B 163 -3.54 -12.49 0.02
N ALA B 164 -4.15 -13.32 -0.82
CA ALA B 164 -3.60 -14.63 -1.13
C ALA B 164 -2.21 -14.58 -1.79
N ILE B 165 -1.99 -13.65 -2.73
CA ILE B 165 -0.73 -13.56 -3.44
C ILE B 165 0.39 -13.21 -2.41
N SER B 166 0.16 -12.20 -1.58
CA SER B 166 1.20 -11.73 -0.63
C SER B 166 1.39 -12.68 0.60
N LYS B 167 0.32 -13.25 1.13
CA LYS B 167 0.45 -14.37 2.09
C LYS B 167 1.28 -15.57 1.57
N SER B 168 1.12 -15.90 0.29
CA SER B 168 1.74 -17.10 -0.25
C SER B 168 3.18 -16.85 -0.59
N ALA B 169 3.53 -15.63 -1.00
CA ALA B 169 4.96 -15.20 -1.08
C ALA B 169 5.67 -15.34 0.26
N ASN B 170 5.03 -14.88 1.33
CA ASN B 170 5.57 -15.05 2.66
C ASN B 170 5.76 -16.54 2.97
N GLU B 171 4.75 -17.37 2.66
CA GLU B 171 4.91 -18.81 2.82
C GLU B 171 6.12 -19.36 2.06
N ASP B 172 6.28 -18.97 0.78
CA ASP B 172 7.42 -19.37 -0.04
C ASP B 172 8.79 -19.09 0.68
N TYR B 173 8.96 -17.90 1.27
CA TYR B 173 10.23 -17.53 1.96
C TYR B 173 10.49 -18.43 3.17
N LEU B 174 9.41 -18.83 3.84
CA LEU B 174 9.48 -19.69 5.00
C LEU B 174 10.00 -21.08 4.60
N GLU B 175 9.36 -21.64 3.60
CA GLU B 175 9.80 -22.90 2.99
C GLU B 175 11.23 -22.80 2.51
N TYR B 176 11.57 -21.72 1.83
CA TYR B 176 12.91 -21.53 1.29
C TYR B 176 14.00 -21.32 2.39
N SER B 177 13.63 -20.70 3.51
CA SER B 177 14.61 -20.35 4.57
C SER B 177 15.47 -21.49 5.19
N GLY B 178 14.95 -22.71 5.24
CA GLY B 178 15.62 -23.78 5.94
C GLY B 178 15.19 -23.91 7.40
N LEU B 179 14.35 -22.99 7.89
CA LEU B 179 13.80 -23.05 9.27
C LEU B 179 12.99 -24.31 9.55
N ASP B 180 13.01 -24.76 10.82
CA ASP B 180 12.09 -25.79 11.28
C ASP B 180 10.75 -25.14 11.59
N PHE B 181 9.81 -25.24 10.65
CA PHE B 181 8.57 -24.51 10.76
C PHE B 181 7.38 -25.46 10.76
N VAL B 182 6.27 -24.96 11.27
CA VAL B 182 4.91 -25.50 11.07
C VAL B 182 4.10 -24.36 10.44
N THR B 183 3.41 -24.66 9.34
CA THR B 183 2.40 -23.73 8.79
C THR B 183 1.04 -24.35 9.02
N PHE B 184 0.16 -23.61 9.69
CA PHE B 184 -1.25 -23.96 9.74
C PHE B 184 -1.98 -23.25 8.60
N ARG B 185 -2.53 -24.06 7.69
CA ARG B 185 -3.31 -23.55 6.54
C ARG B 185 -4.75 -23.60 6.94
N LEU B 186 -5.44 -22.47 6.80
CA LEU B 186 -6.75 -22.37 7.43
C LEU B 186 -7.77 -21.85 6.45
N ALA B 187 -9.03 -22.22 6.70
CA ALA B 187 -10.20 -21.65 6.03
C ALA B 187 -10.60 -20.40 6.79
N ASN B 188 -11.33 -20.54 7.89
CA ASN B 188 -11.76 -19.38 8.68
C ASN B 188 -11.51 -19.66 10.16
N VAL B 189 -10.92 -18.71 10.85
CA VAL B 189 -10.72 -18.75 12.31
C VAL B 189 -11.62 -17.69 12.98
N VAL B 190 -12.40 -18.09 13.98
CA VAL B 190 -13.47 -17.28 14.53
C VAL B 190 -13.50 -17.48 16.05
N GLY B 191 -14.23 -16.60 16.73
CA GLY B 191 -14.26 -16.58 18.18
C GLY B 191 -14.01 -15.18 18.70
N PRO B 192 -13.69 -15.04 20.01
CA PRO B 192 -13.44 -13.70 20.52
C PRO B 192 -12.28 -13.06 19.76
N ARG B 193 -12.37 -11.75 19.52
CA ARG B 193 -11.28 -10.98 18.88
C ARG B 193 -11.24 -11.12 17.35
N ASN B 194 -12.17 -11.89 16.80
CA ASN B 194 -12.34 -12.00 15.35
C ASN B 194 -12.92 -10.66 14.87
N VAL B 195 -12.15 -9.97 14.03
CA VAL B 195 -12.56 -8.67 13.53
C VAL B 195 -12.89 -8.71 12.04
N SER B 196 -12.79 -9.87 11.39
CA SER B 196 -13.07 -9.93 9.96
C SER B 196 -14.03 -11.05 9.60
N GLY B 197 -14.66 -10.93 8.45
CA GLY B 197 -15.46 -12.03 7.94
C GLY B 197 -16.89 -11.87 8.41
N PRO B 198 -17.74 -12.90 8.16
CA PRO B 198 -19.19 -12.75 8.40
C PRO B 198 -19.60 -12.59 9.84
N LEU B 199 -18.83 -13.14 10.76
CA LEU B 199 -19.31 -13.25 12.14
C LEU B 199 -19.50 -11.91 12.84
N PRO B 200 -18.47 -11.03 12.81
CA PRO B 200 -18.69 -9.69 13.35
C PRO B 200 -19.74 -8.88 12.59
N ILE B 201 -19.92 -9.14 11.31
CA ILE B 201 -20.96 -8.47 10.49
C ILE B 201 -22.37 -8.90 10.87
N PHE B 202 -22.58 -10.19 11.01
CA PHE B 202 -23.83 -10.71 11.52
C PHE B 202 -24.20 -10.08 12.87
N PHE B 203 -23.25 -10.08 13.80
CA PHE B 203 -23.53 -9.53 15.14
C PHE B 203 -23.95 -8.06 15.09
N GLN B 204 -23.14 -7.24 14.44
CA GLN B 204 -23.45 -5.81 14.29
C GLN B 204 -24.80 -5.53 13.60
N ARG B 205 -25.02 -6.13 12.43
CA ARG B 205 -26.25 -5.92 11.68
C ARG B 205 -27.46 -6.45 12.44
N LEU B 206 -27.30 -7.59 13.13
CA LEU B 206 -28.42 -8.12 13.94
C LEU B 206 -28.78 -7.24 15.13
N SER B 207 -27.76 -6.68 15.77
CA SER B 207 -28.00 -5.79 16.89
C SER B 207 -28.51 -4.40 16.45
N GLU B 208 -28.29 -4.03 15.18
CA GLU B 208 -28.87 -2.82 14.61
C GLU B 208 -30.22 -3.05 13.89
N GLY B 209 -30.67 -4.29 13.82
CA GLY B 209 -31.95 -4.62 13.20
C GLY B 209 -31.92 -4.55 11.68
N LYS B 210 -30.73 -4.76 11.11
CA LYS B 210 -30.48 -4.63 9.66
C LYS B 210 -30.46 -5.99 9.04
N LYS B 211 -30.92 -6.09 7.79
CA LYS B 211 -30.95 -7.34 7.06
C LYS B 211 -29.52 -7.90 6.82
N CYS B 212 -29.35 -9.18 7.14
CA CYS B 212 -28.12 -9.93 6.85
C CYS B 212 -28.28 -10.84 5.63
N PHE B 213 -27.14 -11.14 5.01
CA PHE B 213 -27.11 -11.93 3.78
C PHE B 213 -26.46 -13.25 4.05
N VAL B 214 -27.12 -14.32 3.63
CA VAL B 214 -26.51 -15.62 3.78
C VAL B 214 -26.30 -16.28 2.43
N THR B 215 -25.05 -16.58 2.10
CA THR B 215 -24.77 -17.25 0.85
C THR B 215 -25.03 -18.73 1.03
N LYS B 216 -25.53 -19.35 -0.04
CA LYS B 216 -25.72 -20.79 -0.10
C LYS B 216 -24.34 -21.38 -0.39
N ALA B 217 -23.56 -21.56 0.66
CA ALA B 217 -22.22 -22.12 0.57
C ALA B 217 -21.86 -22.72 1.91
N ARG B 218 -20.94 -23.68 1.88
CA ARG B 218 -20.42 -24.34 3.08
C ARG B 218 -18.93 -24.09 3.18
N ARG B 219 -18.52 -23.60 4.36
CA ARG B 219 -17.10 -23.30 4.66
C ARG B 219 -16.68 -23.78 6.05
N ASP B 220 -15.39 -24.04 6.22
CA ASP B 220 -14.87 -24.48 7.50
C ASP B 220 -14.61 -23.30 8.43
N PHE B 221 -15.08 -23.40 9.67
CA PHE B 221 -14.81 -22.43 10.74
C PHE B 221 -14.17 -23.14 11.93
N VAL B 222 -13.02 -22.64 12.37
CA VAL B 222 -12.27 -23.20 13.49
C VAL B 222 -12.24 -22.18 14.64
N PHE B 223 -12.50 -22.63 15.87
CA PHE B 223 -12.40 -21.80 17.06
C PHE B 223 -10.96 -21.38 17.26
N VAL B 224 -10.75 -20.08 17.37
CA VAL B 224 -9.39 -19.55 17.67
C VAL B 224 -8.68 -20.31 18.80
N LYS B 225 -9.40 -20.67 19.87
CA LYS B 225 -8.67 -21.32 21.00
C LYS B 225 -8.11 -22.75 20.72
N ASP B 226 -8.83 -23.53 19.90
CA ASP B 226 -8.29 -24.79 19.34
C ASP B 226 -6.96 -24.52 18.62
N LEU B 227 -6.94 -23.54 17.74
CA LEU B 227 -5.77 -23.21 16.95
C LEU B 227 -4.61 -22.80 17.86
N ALA B 228 -4.93 -22.04 18.91
CA ALA B 228 -3.91 -21.51 19.85
C ALA B 228 -3.27 -22.65 20.64
N ARG B 229 -4.07 -23.62 21.11
CA ARG B 229 -3.51 -24.78 21.80
C ARG B 229 -2.64 -25.66 20.87
N ALA B 230 -2.99 -25.75 19.59
CA ALA B 230 -2.14 -26.50 18.65
C ALA B 230 -0.83 -25.79 18.37
N THR B 231 -0.87 -24.45 18.36
CA THR B 231 0.30 -23.63 18.17
C THR B 231 1.31 -23.83 19.31
N VAL B 232 0.84 -23.96 20.54
CA VAL B 232 1.72 -24.14 21.67
C VAL B 232 2.42 -25.51 21.54
N ARG B 233 1.66 -26.56 21.15
CA ARG B 233 2.27 -27.85 20.79
C ARG B 233 3.34 -27.69 19.69
N ALA B 234 3.04 -26.87 18.68
CA ALA B 234 3.97 -26.65 17.56
C ALA B 234 5.22 -25.90 18.03
N VAL B 235 5.02 -24.91 18.89
CA VAL B 235 6.15 -24.24 19.57
C VAL B 235 7.00 -25.26 20.31
N ASP B 236 6.34 -26.22 20.96
CA ASP B 236 7.07 -27.22 21.72
C ASP B 236 7.73 -28.33 20.88
N GLY B 237 7.58 -28.30 19.57
CA GLY B 237 8.30 -29.26 18.74
C GLY B 237 7.39 -30.20 17.98
N VAL B 238 6.07 -30.06 18.17
CA VAL B 238 5.12 -30.96 17.44
C VAL B 238 4.85 -30.51 15.98
N GLY B 239 5.07 -31.44 15.04
CA GLY B 239 4.83 -31.20 13.64
C GLY B 239 5.97 -30.54 12.90
N HIS B 240 5.99 -30.75 11.60
CA HIS B 240 6.99 -30.16 10.68
C HIS B 240 6.33 -29.97 9.31
N GLY B 241 6.39 -28.74 8.79
CA GLY B 241 5.81 -28.37 7.49
C GLY B 241 4.38 -27.86 7.53
N ALA B 242 3.64 -28.08 6.45
CA ALA B 242 2.29 -27.53 6.31
C ALA B 242 1.20 -28.53 6.69
N TYR B 243 0.12 -28.01 7.29
CA TYR B 243 -1.00 -28.80 7.82
C TYR B 243 -2.25 -27.99 7.62
N HIS B 244 -3.36 -28.66 7.34
CA HIS B 244 -4.68 -28.07 7.33
C HIS B 244 -5.18 -28.11 8.75
N PHE B 245 -5.25 -26.95 9.38
CA PHE B 245 -5.82 -26.98 10.70
C PHE B 245 -7.35 -26.99 10.61
N SER B 246 -7.90 -28.19 10.65
CA SER B 246 -9.33 -28.37 10.37
C SER B 246 -9.85 -29.66 10.91
N SER B 247 -11.10 -29.67 11.35
CA SER B 247 -11.83 -30.94 11.63
C SER B 247 -12.06 -31.81 10.38
N GLY B 248 -11.87 -31.25 9.19
CA GLY B 248 -12.25 -31.90 7.93
C GLY B 248 -13.73 -31.83 7.54
N THR B 249 -14.54 -31.13 8.34
CA THR B 249 -15.94 -30.85 8.06
C THR B 249 -16.11 -29.37 7.60
N ASP B 250 -17.32 -29.00 7.18
CA ASP B 250 -17.62 -27.59 6.90
C ASP B 250 -19.04 -27.28 7.37
N VAL B 251 -19.39 -26.01 7.46
CA VAL B 251 -20.75 -25.64 7.81
C VAL B 251 -21.31 -24.66 6.77
N ALA B 252 -22.62 -24.72 6.56
CA ALA B 252 -23.32 -23.80 5.69
C ALA B 252 -23.28 -22.46 6.39
N ILE B 253 -23.14 -21.38 5.62
CA ILE B 253 -23.19 -20.01 6.17
C ILE B 253 -24.47 -19.78 6.98
N LYS B 254 -25.57 -20.40 6.53
CA LYS B 254 -26.89 -20.34 7.18
C LYS B 254 -26.78 -20.87 8.61
N GLU B 255 -26.02 -21.96 8.79
CA GLU B 255 -25.79 -22.50 10.14
C GLU B 255 -24.99 -21.52 11.03
N LEU B 256 -23.96 -20.88 10.48
CA LEU B 256 -23.24 -19.83 11.22
C LEU B 256 -24.18 -18.67 11.67
N TYR B 257 -24.98 -18.18 10.72
CA TYR B 257 -25.97 -17.13 10.96
C TYR B 257 -26.94 -17.53 12.05
N ASP B 258 -27.43 -18.77 11.99
CA ASP B 258 -28.44 -19.24 12.94
C ASP B 258 -27.84 -19.44 14.31
N ALA B 259 -26.57 -19.83 14.35
CA ALA B 259 -25.83 -19.92 15.62
C ALA B 259 -25.68 -18.55 16.26
N VAL B 260 -25.48 -17.50 15.43
CA VAL B 260 -25.40 -16.12 15.94
C VAL B 260 -26.76 -15.65 16.50
N VAL B 261 -27.85 -15.82 15.74
CA VAL B 261 -29.19 -15.45 16.21
C VAL B 261 -29.49 -16.09 17.59
N GLU B 262 -29.24 -17.40 17.69
CA GLU B 262 -29.45 -18.16 18.93
C GLU B 262 -28.50 -17.69 20.04
N ALA B 263 -27.26 -17.33 19.72
CA ALA B 263 -26.35 -16.89 20.79
C ALA B 263 -26.80 -15.51 21.36
N MET B 264 -27.35 -14.67 20.50
CA MET B 264 -27.82 -13.36 20.89
C MET B 264 -29.23 -13.42 21.54
N ALA B 265 -29.91 -14.56 21.40
CA ALA B 265 -31.22 -14.83 22.03
C ALA B 265 -32.22 -13.75 21.61
N LEU B 266 -32.18 -13.43 20.32
CA LEU B 266 -33.12 -12.48 19.72
C LEU B 266 -34.54 -13.00 19.94
N PRO B 267 -35.52 -12.09 20.14
CA PRO B 267 -36.83 -12.60 20.56
C PRO B 267 -37.59 -13.32 19.43
N SER B 268 -37.35 -12.94 18.19
CA SER B 268 -37.89 -13.70 17.08
C SER B 268 -36.80 -13.88 16.02
N TYR B 269 -36.97 -14.87 15.13
CA TYR B 269 -36.00 -15.14 14.11
C TYR B 269 -36.02 -14.10 12.97
N PRO B 270 -34.90 -13.34 12.77
CA PRO B 270 -34.84 -12.49 11.57
C PRO B 270 -34.40 -13.27 10.32
N GLU B 271 -35.34 -13.45 9.39
CA GLU B 271 -35.10 -14.13 8.13
C GLU B 271 -33.97 -13.42 7.39
N PRO B 272 -32.90 -14.18 7.05
CA PRO B 272 -31.81 -13.61 6.25
C PRO B 272 -32.19 -13.56 4.77
N GLU B 273 -31.44 -12.78 4.01
CA GLU B 273 -31.60 -12.77 2.58
C GLU B 273 -30.63 -13.79 2.03
N ILE B 274 -31.16 -14.78 1.31
CA ILE B 274 -30.37 -15.87 0.73
C ILE B 274 -29.76 -15.42 -0.60
N ARG B 275 -28.43 -15.44 -0.70
CA ARG B 275 -27.72 -15.22 -1.95
C ARG B 275 -27.34 -16.56 -2.56
N GLU B 276 -27.32 -16.62 -3.89
CA GLU B 276 -26.84 -17.79 -4.62
C GLU B 276 -25.32 -17.76 -4.66
N LEU B 277 -24.71 -18.92 -4.84
CA LEU B 277 -23.28 -18.99 -5.06
C LEU B 277 -22.91 -18.36 -6.41
N ASP B 280 -18.16 -19.48 -10.40
CA ASP B 280 -16.94 -18.86 -9.82
C ASP B 280 -16.29 -19.58 -8.59
N ASP B 281 -17.07 -19.71 -7.52
CA ASP B 281 -16.62 -20.32 -6.25
C ASP B 281 -17.18 -21.72 -6.03
N ALA B 282 -16.51 -22.48 -5.17
CA ALA B 282 -16.97 -23.83 -4.83
C ALA B 282 -18.13 -23.80 -3.83
N PRO B 283 -19.14 -24.70 -4.00
CA PRO B 283 -20.27 -24.80 -3.08
C PRO B 283 -19.83 -25.19 -1.69
N SER B 284 -18.77 -26.00 -1.64
CA SER B 284 -18.25 -26.55 -0.39
C SER B 284 -16.74 -26.77 -0.53
N ILE B 285 -16.00 -26.28 0.48
CA ILE B 285 -14.57 -26.55 0.58
C ILE B 285 -14.23 -27.31 1.87
N LEU B 286 -13.81 -28.54 1.71
CA LEU B 286 -13.31 -29.31 2.84
C LEU B 286 -11.82 -29.36 2.67
N LEU B 287 -11.12 -29.30 3.80
CA LEU B 287 -9.69 -29.48 3.84
C LEU B 287 -9.46 -30.86 4.45
N ASP B 288 -8.60 -31.64 3.81
CA ASP B 288 -8.24 -32.98 4.29
C ASP B 288 -7.34 -32.82 5.55
N PRO B 289 -7.83 -33.30 6.70
CA PRO B 289 -7.18 -33.19 7.97
C PRO B 289 -6.23 -34.35 8.25
N SER B 290 -6.10 -35.30 7.32
CA SER B 290 -5.41 -36.56 7.59
C SER B 290 -4.00 -36.39 8.19
N ARG B 291 -3.17 -35.53 7.63
CA ARG B 291 -1.79 -35.37 8.13
C ARG B 291 -1.78 -34.68 9.51
N THR B 292 -2.85 -33.94 9.82
CA THR B 292 -3.01 -33.26 11.08
C THR B 292 -3.35 -34.30 12.17
N ILE B 293 -4.27 -35.21 11.85
CA ILE B 293 -4.53 -36.32 12.75
C ILE B 293 -3.24 -37.17 12.94
N GLN B 294 -2.57 -37.52 11.84
CA GLN B 294 -1.28 -38.25 11.92
C GLN B 294 -0.28 -37.66 12.97
N ASP B 295 -0.01 -36.36 12.91
CA ASP B 295 1.06 -35.72 13.70
C ASP B 295 0.63 -34.97 14.97
N PHE B 296 -0.61 -34.49 15.01
CA PHE B 296 -1.14 -33.77 16.18
C PHE B 296 -2.19 -34.60 16.95
N GLY B 297 -2.54 -35.77 16.42
CA GLY B 297 -3.55 -36.63 17.04
C GLY B 297 -4.95 -36.20 16.71
N LYS B 298 -5.92 -36.83 17.37
CA LYS B 298 -7.32 -36.54 17.14
C LYS B 298 -7.74 -35.43 18.10
N ILE B 299 -7.85 -34.23 17.55
CA ILE B 299 -8.18 -33.03 18.29
C ILE B 299 -9.67 -32.98 18.47
N GLU B 300 -10.11 -32.71 19.70
CA GLU B 300 -11.51 -32.41 19.97
C GLU B 300 -11.77 -30.93 19.65
N PHE B 301 -12.37 -30.70 18.48
CA PHE B 301 -12.70 -29.34 18.05
C PHE B 301 -13.90 -28.84 18.85
N THR B 302 -13.80 -27.61 19.35
CA THR B 302 -14.93 -26.92 19.97
C THR B 302 -16.09 -26.84 18.97
N PRO B 303 -17.33 -27.19 19.41
CA PRO B 303 -18.50 -27.11 18.55
C PRO B 303 -18.84 -25.66 18.22
N LEU B 304 -19.48 -25.46 17.07
CA LEU B 304 -19.88 -24.14 16.58
C LEU B 304 -20.65 -23.29 17.58
N LYS B 305 -21.60 -23.91 18.26
CA LYS B 305 -22.43 -23.19 19.22
C LYS B 305 -21.57 -22.51 20.28
N GLU B 306 -20.62 -23.27 20.81
CA GLU B 306 -19.72 -22.78 21.87
C GLU B 306 -18.77 -21.64 21.35
N THR B 307 -18.30 -21.82 20.13
CA THR B 307 -17.44 -20.87 19.43
C THR B 307 -18.13 -19.52 19.20
N VAL B 308 -19.36 -19.61 18.69
CA VAL B 308 -20.18 -18.43 18.40
C VAL B 308 -20.63 -17.73 19.68
N ALA B 309 -20.97 -18.49 20.72
CA ALA B 309 -21.34 -17.88 21.97
C ALA B 309 -20.19 -17.08 22.59
N ALA B 310 -18.97 -17.64 22.47
CA ALA B 310 -17.73 -16.97 22.92
C ALA B 310 -17.49 -15.69 22.14
N ALA B 311 -17.62 -15.74 20.80
CA ALA B 311 -17.50 -14.55 19.97
C ALA B 311 -18.53 -13.46 20.35
N VAL B 312 -19.81 -13.86 20.43
CA VAL B 312 -20.90 -12.93 20.75
C VAL B 312 -20.67 -12.27 22.09
N ALA B 313 -20.16 -13.05 23.05
CA ALA B 313 -19.82 -12.50 24.35
C ALA B 313 -18.74 -11.42 24.19
N TYR B 314 -17.74 -11.67 23.35
CA TYR B 314 -16.70 -10.67 23.06
C TYR B 314 -17.28 -9.41 22.37
N PHE B 315 -18.12 -9.61 21.38
CA PHE B 315 -18.65 -8.44 20.64
C PHE B 315 -19.51 -7.55 21.58
N ARG B 316 -20.25 -8.18 22.49
CA ARG B 316 -21.08 -7.44 23.48
C ARG B 316 -20.27 -6.59 24.46
N GLU B 317 -19.01 -6.99 24.69
CA GLU B 317 -18.12 -6.30 25.64
C GLU B 317 -17.17 -5.34 24.96
N TYR B 318 -16.65 -5.73 23.79
CA TYR B 318 -15.64 -4.96 23.09
C TYR B 318 -16.18 -4.15 21.91
N GLY B 319 -17.38 -4.50 21.42
CA GLY B 319 -17.91 -3.87 20.22
C GLY B 319 -17.21 -4.42 18.98
N VAL B 320 -17.72 -4.09 17.81
CA VAL B 320 -17.09 -4.52 16.56
C VAL B 320 -16.27 -3.37 15.99
N HIS C 20 1.58 7.24 -35.20
CA HIS C 20 1.63 8.27 -34.09
C HIS C 20 2.60 7.97 -32.90
N MET C 21 3.28 9.01 -32.42
CA MET C 21 4.08 9.04 -31.19
C MET C 21 3.44 8.35 -29.97
N LYS C 22 3.99 7.24 -29.52
CA LYS C 22 3.43 6.63 -28.32
C LYS C 22 4.10 7.21 -27.07
N LYS C 23 3.41 7.09 -25.94
CA LYS C 23 3.98 7.42 -24.64
C LYS C 23 4.28 6.12 -23.86
N VAL C 24 5.54 5.92 -23.49
CA VAL C 24 5.92 4.68 -22.81
C VAL C 24 6.68 4.96 -21.51
N PHE C 25 6.19 4.39 -20.42
CA PHE C 25 6.87 4.43 -19.11
C PHE C 25 7.68 3.16 -18.95
N ILE C 26 8.97 3.29 -18.69
CA ILE C 26 9.88 2.15 -18.55
C ILE C 26 10.46 2.12 -17.14
N THR C 27 10.24 1.05 -16.39
CA THR C 27 10.94 0.91 -15.12
C THR C 27 12.27 0.22 -15.33
N GLY C 28 13.30 0.66 -14.60
CA GLY C 28 14.59 0.01 -14.69
C GLY C 28 15.26 0.38 -16.01
N ILE C 29 15.04 1.61 -16.45
CA ILE C 29 15.44 2.06 -17.78
C ILE C 29 16.96 2.11 -18.06
N CYS C 30 17.78 2.15 -17.00
CA CYS C 30 19.24 2.08 -17.12
C CYS C 30 19.78 0.66 -17.04
N GLY C 31 18.91 -0.33 -17.11
CA GLY C 31 19.34 -1.73 -17.06
C GLY C 31 19.57 -2.24 -18.47
N GLN C 32 20.08 -3.47 -18.57
CA GLN C 32 20.30 -4.13 -19.84
C GLN C 32 19.05 -4.08 -20.73
N ILE C 33 17.97 -4.69 -20.29
CA ILE C 33 16.80 -4.81 -21.13
C ILE C 33 16.13 -3.44 -21.32
N GLY C 34 15.94 -2.69 -20.23
CA GLY C 34 15.20 -1.42 -20.31
C GLY C 34 15.85 -0.37 -21.19
N SER C 35 17.19 -0.23 -21.10
CA SER C 35 17.93 0.79 -21.87
C SER C 35 17.85 0.45 -23.36
N HIS C 36 17.94 -0.85 -23.70
CA HIS C 36 17.84 -1.28 -25.09
C HIS C 36 16.45 -1.04 -25.67
N ILE C 37 15.42 -1.29 -24.86
CA ILE C 37 14.06 -0.98 -25.29
C ILE C 37 13.91 0.55 -25.48
N ALA C 38 14.42 1.32 -24.53
CA ALA C 38 14.30 2.79 -24.54
C ALA C 38 14.88 3.33 -25.84
N GLU C 39 16.05 2.85 -26.22
CA GLU C 39 16.72 3.22 -27.48
C GLU C 39 15.87 2.97 -28.72
N LEU C 40 15.29 1.78 -28.82
CA LEU C 40 14.38 1.45 -29.96
C LEU C 40 13.19 2.39 -30.04
N LEU C 41 12.50 2.60 -28.93
CA LEU C 41 11.35 3.51 -28.86
C LEU C 41 11.72 4.95 -29.18
N LEU C 42 12.85 5.43 -28.67
CA LEU C 42 13.20 6.83 -28.83
C LEU C 42 13.58 7.13 -30.28
N GLU C 43 14.28 6.18 -30.89
CA GLU C 43 14.71 6.32 -32.26
C GLU C 43 13.53 6.38 -33.25
N ARG C 44 12.40 5.75 -32.96
CA ARG C 44 11.22 5.77 -33.84
C ARG C 44 10.24 6.94 -33.48
N GLY C 45 10.64 7.79 -32.55
CA GLY C 45 9.89 9.00 -32.24
C GLY C 45 8.97 9.04 -31.03
N ASP C 46 8.94 7.95 -30.28
CA ASP C 46 8.10 7.85 -29.09
C ASP C 46 8.54 8.74 -27.92
N LYS C 47 7.60 9.10 -27.07
CA LYS C 47 7.93 9.78 -25.84
C LYS C 47 8.17 8.70 -24.75
N VAL C 48 9.34 8.77 -24.11
CA VAL C 48 9.79 7.81 -23.09
C VAL C 48 10.07 8.48 -21.72
N VAL C 49 9.39 8.01 -20.70
CA VAL C 49 9.67 8.43 -19.35
C VAL C 49 10.21 7.18 -18.61
N GLY C 50 11.34 7.35 -17.92
CA GLY C 50 11.96 6.25 -17.23
C GLY C 50 12.32 6.53 -15.79
N ILE C 51 12.32 5.47 -14.99
CA ILE C 51 12.74 5.47 -13.58
C ILE C 51 13.79 4.38 -13.32
N ASP C 52 14.80 4.72 -12.52
CA ASP C 52 15.83 3.78 -12.10
C ASP C 52 16.49 4.31 -10.83
N ASN C 53 16.85 3.40 -9.91
CA ASN C 53 17.50 3.81 -8.66
C ASN C 53 18.98 3.46 -8.64
N PHE C 54 19.45 2.87 -9.72
CA PHE C 54 20.85 2.42 -9.86
C PHE C 54 21.26 1.33 -8.89
N ALA C 55 20.35 0.41 -8.54
CA ALA C 55 20.78 -0.77 -7.79
C ALA C 55 21.84 -1.56 -8.58
N THR C 56 21.62 -1.69 -9.89
CA THR C 56 22.52 -2.45 -10.75
C THR C 56 22.76 -1.78 -12.11
N GLY C 57 21.81 -0.93 -12.53
CA GLY C 57 21.94 -0.19 -13.77
C GLY C 57 22.97 0.93 -13.69
N ARG C 58 23.28 1.52 -14.84
CA ARG C 58 24.29 2.61 -14.95
C ARG C 58 23.77 3.81 -15.76
N ARG C 59 24.11 5.01 -15.34
CA ARG C 59 23.61 6.21 -16.03
C ARG C 59 24.02 6.21 -17.52
N GLU C 60 25.21 5.69 -17.79
CA GLU C 60 25.80 5.60 -19.14
C GLU C 60 25.05 4.70 -20.10
N HIS C 61 24.28 3.78 -19.56
CA HIS C 61 23.45 2.91 -20.37
C HIS C 61 22.38 3.69 -21.11
N LEU C 62 22.03 4.88 -20.62
CA LEU C 62 20.91 5.64 -21.15
C LEU C 62 21.35 7.02 -21.69
N LYS C 63 21.51 7.10 -23.01
CA LYS C 63 21.99 8.35 -23.61
C LYS C 63 20.85 9.39 -23.66
N ASP C 64 21.17 10.65 -23.39
CA ASP C 64 20.20 11.78 -23.52
C ASP C 64 19.48 11.78 -24.89
N HIS C 65 18.23 12.23 -24.89
CA HIS C 65 17.43 12.34 -26.10
C HIS C 65 16.33 13.31 -25.76
N PRO C 66 15.93 14.21 -26.71
CA PRO C 66 14.90 15.23 -26.40
C PRO C 66 13.54 14.68 -25.97
N ASN C 67 13.22 13.46 -26.39
CA ASN C 67 11.97 12.82 -25.99
C ASN C 67 12.09 11.85 -24.82
N LEU C 68 13.21 11.91 -24.11
CA LEU C 68 13.44 11.10 -22.90
C LEU C 68 13.38 11.95 -21.64
N THR C 69 12.55 11.50 -20.71
CA THR C 69 12.54 12.05 -19.36
C THR C 69 13.01 10.96 -18.41
N PHE C 70 14.10 11.22 -17.69
CA PHE C 70 14.62 10.31 -16.68
C PHE C 70 14.42 10.81 -15.24
N VAL C 71 13.84 9.97 -14.38
CA VAL C 71 13.70 10.29 -12.96
C VAL C 71 14.45 9.28 -12.11
N GLU C 72 15.40 9.76 -11.31
CA GLU C 72 16.10 8.88 -10.42
C GLU C 72 15.18 8.59 -9.24
N GLY C 73 14.89 7.33 -8.99
CA GLY C 73 14.08 6.99 -7.82
C GLY C 73 13.74 5.52 -7.77
N SER C 74 12.97 5.12 -6.76
CA SER C 74 12.61 3.72 -6.58
C SER C 74 11.15 3.49 -6.90
N ILE C 75 10.85 2.38 -7.58
CA ILE C 75 9.46 1.97 -7.82
C ILE C 75 8.70 1.59 -6.54
N ALA C 76 9.43 1.37 -5.45
CA ALA C 76 8.82 1.13 -4.12
C ALA C 76 8.16 2.42 -3.61
N ASP C 77 8.57 3.55 -4.19
CA ASP C 77 7.99 4.87 -3.87
C ASP C 77 6.60 4.98 -4.54
N HIS C 78 5.56 4.60 -3.81
CA HIS C 78 4.16 4.56 -4.31
C HIS C 78 3.70 5.88 -4.93
N ALA C 79 3.91 7.01 -4.22
CA ALA C 79 3.48 8.33 -4.71
C ALA C 79 4.23 8.74 -5.98
N LEU C 80 5.54 8.55 -6.03
CA LEU C 80 6.31 8.80 -7.24
C LEU C 80 5.82 8.03 -8.48
N VAL C 81 5.64 6.72 -8.33
CA VAL C 81 5.20 5.82 -9.44
C VAL C 81 3.84 6.26 -9.93
N ASN C 82 2.91 6.48 -8.99
CA ASN C 82 1.58 7.03 -9.36
C ASN C 82 1.55 8.42 -10.01
N GLN C 83 2.43 9.30 -9.56
CA GLN C 83 2.53 10.63 -10.07
C GLN C 83 3.03 10.55 -11.51
N LEU C 84 4.12 9.83 -11.73
CA LEU C 84 4.66 9.66 -13.08
C LEU C 84 3.70 9.02 -14.08
N ILE C 85 3.04 7.93 -13.71
CA ILE C 85 2.09 7.26 -14.63
C ILE C 85 0.83 8.10 -14.78
N GLY C 86 0.33 8.68 -13.68
CA GLY C 86 -0.86 9.48 -13.71
C GLY C 86 -0.76 10.64 -14.68
N ASP C 87 0.34 11.39 -14.57
CA ASP C 87 0.61 12.58 -15.41
C ASP C 87 0.78 12.24 -16.89
N LEU C 88 1.58 11.21 -17.17
CA LEU C 88 1.95 10.82 -18.51
C LEU C 88 0.81 10.13 -19.27
N GLN C 89 -0.03 9.41 -18.54
CA GLN C 89 -1.06 8.57 -19.17
C GLN C 89 -0.45 7.71 -20.30
N PRO C 90 0.52 6.82 -19.97
CA PRO C 90 1.25 6.17 -21.08
C PRO C 90 0.38 5.20 -21.85
N ASP C 91 0.76 4.96 -23.11
CA ASP C 91 0.15 3.91 -23.93
C ASP C 91 0.55 2.51 -23.42
N ALA C 92 1.76 2.44 -22.83
CA ALA C 92 2.38 1.18 -22.39
C ALA C 92 3.28 1.43 -21.19
N VAL C 93 3.37 0.44 -20.29
CA VAL C 93 4.38 0.42 -19.24
C VAL C 93 5.25 -0.79 -19.55
N VAL C 94 6.56 -0.56 -19.64
CA VAL C 94 7.52 -1.66 -19.77
C VAL C 94 8.20 -1.78 -18.40
N HIS C 95 7.89 -2.85 -17.68
CA HIS C 95 8.40 -3.05 -16.33
C HIS C 95 9.60 -4.03 -16.25
N THR C 96 10.81 -3.49 -16.28
CA THR C 96 12.04 -4.29 -16.21
C THR C 96 12.76 -4.21 -14.84
N ALA C 97 12.34 -3.28 -13.96
CA ALA C 97 13.06 -3.02 -12.70
C ALA C 97 12.94 -4.25 -11.85
N ALA C 98 14.06 -4.66 -11.26
CA ALA C 98 14.13 -5.82 -10.38
C ALA C 98 15.36 -5.81 -9.53
N SER C 99 15.17 -6.27 -8.29
CA SER C 99 16.23 -6.48 -7.31
C SER C 99 16.60 -7.95 -7.30
N TYR C 100 17.89 -8.25 -7.33
CA TYR C 100 18.34 -9.65 -7.41
C TYR C 100 19.79 -9.91 -6.97
N LYS C 101 20.64 -8.87 -7.02
CA LYS C 101 22.10 -9.05 -7.04
C LYS C 101 22.67 -9.77 -5.80
N ASP C 102 22.00 -9.61 -4.65
CA ASP C 102 22.41 -10.28 -3.43
C ASP C 102 21.28 -11.21 -2.98
N PRO C 103 21.48 -12.53 -3.13
CA PRO C 103 20.45 -13.52 -2.76
C PRO C 103 20.01 -13.49 -1.28
N ASP C 104 20.85 -12.90 -0.41
CA ASP C 104 20.53 -12.75 0.99
C ASP C 104 19.78 -11.47 1.29
N ASP C 105 19.61 -10.61 0.28
CA ASP C 105 18.96 -9.33 0.47
C ASP C 105 17.47 -9.40 0.15
N TRP C 106 16.77 -10.17 0.96
CA TRP C 106 15.35 -10.44 0.81
C TRP C 106 14.59 -9.15 0.91
N TYR C 107 15.19 -8.18 1.60
CA TYR C 107 14.52 -6.92 1.92
C TYR C 107 14.30 -6.12 0.68
N ASN C 108 15.36 -5.85 -0.07
CA ASN C 108 15.26 -5.10 -1.32
C ASN C 108 14.61 -5.89 -2.44
N ASP C 109 14.77 -7.19 -2.40
CA ASP C 109 14.02 -8.07 -3.32
C ASP C 109 12.48 -7.91 -3.13
N THR C 110 11.98 -8.01 -1.90
CA THR C 110 10.54 -7.80 -1.62
C THR C 110 10.11 -6.36 -1.82
N LEU C 111 10.89 -5.44 -1.30
CA LEU C 111 10.58 -4.02 -1.47
C LEU C 111 10.51 -3.58 -2.94
N THR C 112 11.44 -4.03 -3.76
CA THR C 112 11.44 -3.68 -5.20
C THR C 112 10.46 -4.56 -6.01
N ASN C 113 10.51 -5.87 -5.83
CA ASN C 113 9.80 -6.75 -6.76
C ASN C 113 8.34 -6.90 -6.34
N CYS C 114 8.10 -6.88 -5.04
CA CYS C 114 6.77 -7.03 -4.50
C CYS C 114 6.02 -5.72 -4.28
N VAL C 115 6.57 -4.87 -3.41
CA VAL C 115 6.01 -3.53 -3.20
C VAL C 115 6.15 -2.69 -4.46
N GLY C 116 7.36 -2.52 -4.97
CA GLY C 116 7.54 -1.77 -6.22
C GLY C 116 6.77 -2.37 -7.40
N GLY C 117 6.84 -3.69 -7.55
CA GLY C 117 6.19 -4.38 -8.67
C GLY C 117 4.70 -4.24 -8.65
N SER C 118 4.07 -4.48 -7.51
CA SER C 118 2.63 -4.23 -7.40
C SER C 118 2.27 -2.74 -7.54
N ASN C 119 3.14 -1.84 -7.03
CA ASN C 119 2.96 -0.41 -7.20
C ASN C 119 2.78 -0.09 -8.72
N VAL C 120 3.67 -0.64 -9.52
CA VAL C 120 3.71 -0.38 -10.95
C VAL C 120 2.53 -1.00 -11.68
N VAL C 121 2.23 -2.26 -11.37
CA VAL C 121 1.03 -2.92 -11.91
C VAL C 121 -0.26 -2.12 -11.57
N GLN C 122 -0.44 -1.74 -10.30
CA GLN C 122 -1.70 -1.11 -9.89
C GLN C 122 -1.89 0.32 -10.45
N ALA C 123 -0.81 1.10 -10.47
CA ALA C 123 -0.78 2.35 -11.18
C ALA C 123 -1.16 2.23 -12.70
N ALA C 124 -0.59 1.25 -13.38
CA ALA C 124 -0.96 1.00 -14.72
C ALA C 124 -2.44 0.68 -14.79
N LYS C 125 -2.95 -0.14 -13.90
CA LYS C 125 -4.35 -0.52 -14.01
C LYS C 125 -5.24 0.69 -13.69
N LYS C 126 -4.87 1.43 -12.65
CA LYS C 126 -5.62 2.64 -12.22
C LYS C 126 -5.75 3.70 -13.34
N ASN C 127 -4.73 3.77 -14.19
CA ASN C 127 -4.66 4.77 -15.24
C ASN C 127 -4.99 4.14 -16.60
N ASN C 128 -5.68 3.00 -16.59
CA ASN C 128 -6.19 2.36 -17.80
C ASN C 128 -5.14 2.20 -18.87
N VAL C 129 -3.91 1.91 -18.46
CA VAL C 129 -2.82 1.74 -19.40
C VAL C 129 -3.13 0.55 -20.29
N GLY C 130 -3.15 0.78 -21.60
CA GLY C 130 -3.57 -0.21 -22.56
C GLY C 130 -2.69 -1.42 -22.73
N ARG C 131 -1.36 -1.25 -22.62
CA ARG C 131 -0.40 -2.39 -22.72
C ARG C 131 0.64 -2.37 -21.61
N PHE C 132 0.90 -3.53 -21.00
CA PHE C 132 1.90 -3.73 -19.97
C PHE C 132 2.84 -4.89 -20.37
N VAL C 133 4.15 -4.64 -20.43
CA VAL C 133 5.16 -5.66 -20.70
C VAL C 133 6.01 -5.91 -19.46
N TYR C 134 6.03 -7.19 -19.08
CA TYR C 134 6.77 -7.70 -17.94
C TYR C 134 7.79 -8.76 -18.40
N PHE C 135 8.83 -8.94 -17.59
CA PHE C 135 9.93 -9.88 -17.82
C PHE C 135 10.09 -10.77 -16.60
N GLN C 136 10.18 -12.07 -16.82
CA GLN C 136 10.08 -13.02 -15.75
C GLN C 136 11.13 -14.09 -15.95
N THR C 137 11.67 -14.58 -14.84
CA THR C 137 12.66 -15.66 -14.84
C THR C 137 11.94 -17.02 -14.95
N ALA C 138 12.51 -17.93 -15.73
CA ALA C 138 12.04 -19.32 -15.85
C ALA C 138 12.25 -20.17 -14.58
N LEU C 139 12.95 -19.62 -13.61
CA LEU C 139 12.96 -20.11 -12.22
C LEU C 139 11.59 -20.15 -11.59
N CYS C 140 10.63 -19.39 -12.11
CA CYS C 140 9.21 -19.59 -11.68
C CYS C 140 8.75 -21.07 -11.77
N TYR C 141 9.42 -21.84 -12.63
CA TYR C 141 9.12 -23.28 -12.78
C TYR C 141 9.95 -24.21 -11.87
N GLY C 142 10.87 -23.63 -11.08
CA GLY C 142 11.75 -24.39 -10.20
C GLY C 142 13.07 -24.58 -10.88
N VAL C 143 14.06 -25.09 -10.16
CA VAL C 143 15.42 -25.18 -10.73
C VAL C 143 15.57 -26.36 -11.70
N LYS C 144 14.87 -27.45 -11.42
CA LYS C 144 14.82 -28.65 -12.24
C LYS C 144 13.35 -28.91 -12.68
N PRO C 145 12.96 -28.44 -13.88
CA PRO C 145 11.62 -28.67 -14.42
C PRO C 145 11.25 -30.17 -14.58
N ILE C 146 9.93 -30.47 -14.55
CA ILE C 146 9.40 -31.83 -14.75
C ILE C 146 8.95 -32.06 -16.18
N GLN C 147 9.15 -31.06 -17.03
CA GLN C 147 8.83 -31.08 -18.47
C GLN C 147 10.08 -30.73 -19.26
N GLN C 148 10.27 -31.44 -20.37
CA GLN C 148 11.33 -31.12 -21.32
C GLN C 148 10.77 -31.33 -22.76
N PRO C 149 10.61 -30.22 -23.54
CA PRO C 149 10.82 -28.81 -23.15
C PRO C 149 9.73 -28.31 -22.18
N VAL C 150 10.02 -27.24 -21.44
CA VAL C 150 9.05 -26.71 -20.48
C VAL C 150 7.91 -26.02 -21.24
N ARG C 151 6.69 -26.44 -20.97
CA ARG C 151 5.52 -25.84 -21.56
C ARG C 151 4.96 -24.71 -20.66
N LEU C 152 4.11 -23.85 -21.23
CA LEU C 152 3.53 -22.73 -20.50
C LEU C 152 2.61 -23.16 -19.36
N ASP C 153 2.16 -24.40 -19.41
CA ASP C 153 1.39 -24.98 -18.31
C ASP C 153 2.20 -25.80 -17.24
N HIS C 154 3.54 -25.77 -17.29
CA HIS C 154 4.40 -26.34 -16.24
C HIS C 154 3.98 -25.80 -14.88
N PRO C 155 3.85 -26.67 -13.87
CA PRO C 155 3.44 -26.19 -12.54
C PRO C 155 4.41 -25.11 -12.02
N ARG C 156 3.89 -24.16 -11.26
CA ARG C 156 4.78 -23.15 -10.67
C ARG C 156 5.47 -23.64 -9.40
N ASN C 157 6.79 -23.45 -9.37
CA ASN C 157 7.62 -23.90 -8.26
C ASN C 157 8.68 -22.85 -7.93
N PRO C 158 8.24 -21.63 -7.53
CA PRO C 158 9.15 -20.48 -7.44
C PRO C 158 9.95 -20.36 -6.15
N ALA C 159 9.71 -21.20 -5.15
CA ALA C 159 10.40 -21.08 -3.85
C ALA C 159 11.81 -21.66 -3.84
N ASN C 160 12.62 -21.27 -4.82
CA ASN C 160 13.99 -21.78 -4.88
C ASN C 160 15.02 -20.67 -4.63
N SER C 161 14.51 -19.42 -4.54
CA SER C 161 15.37 -18.26 -4.30
C SER C 161 14.54 -17.01 -4.01
N SER C 162 15.14 -16.04 -3.31
CA SER C 162 14.45 -14.79 -2.99
C SER C 162 14.02 -14.10 -4.30
N TYR C 163 14.87 -14.24 -5.34
CA TYR C 163 14.70 -13.62 -6.62
C TYR C 163 13.46 -14.20 -7.29
N ALA C 164 13.38 -15.52 -7.43
CA ALA C 164 12.26 -16.18 -8.11
C ALA C 164 10.97 -15.98 -7.31
N ILE C 165 11.01 -16.12 -5.98
CA ILE C 165 9.82 -15.92 -5.16
C ILE C 165 9.20 -14.54 -5.35
N SER C 166 10.02 -13.50 -5.23
CA SER C 166 9.53 -12.14 -5.33
C SER C 166 9.13 -11.75 -6.75
N LYS C 167 9.89 -12.23 -7.73
CA LYS C 167 9.59 -12.02 -9.16
C LYS C 167 8.25 -12.67 -9.54
N SER C 168 8.01 -13.80 -8.91
CA SER C 168 6.84 -14.57 -9.16
C SER C 168 5.59 -13.95 -8.49
N ALA C 169 5.73 -13.36 -7.30
CA ALA C 169 4.63 -12.61 -6.68
C ALA C 169 4.26 -11.34 -7.52
N ASN C 170 5.27 -10.69 -8.10
CA ASN C 170 5.01 -9.61 -9.04
C ASN C 170 4.18 -10.11 -10.26
N GLU C 171 4.56 -11.25 -10.83
CA GLU C 171 3.77 -11.86 -11.90
C GLU C 171 2.33 -12.16 -11.49
N ASP C 172 2.15 -12.69 -10.28
CA ASP C 172 0.81 -12.92 -9.75
C ASP C 172 -0.12 -11.68 -9.78
N TYR C 173 0.42 -10.56 -9.33
CA TYR C 173 -0.31 -9.31 -9.25
C TYR C 173 -0.69 -8.86 -10.66
N LEU C 174 0.22 -9.04 -11.60
CA LEU C 174 -0.01 -8.70 -13.00
C LEU C 174 -1.16 -9.52 -13.60
N GLU C 175 -1.13 -10.82 -13.35
CA GLU C 175 -2.16 -11.71 -13.85
C GLU C 175 -3.52 -11.37 -13.20
N TYR C 176 -3.49 -11.07 -11.90
CA TYR C 176 -4.66 -10.66 -11.10
C TYR C 176 -5.23 -9.31 -11.52
N SER C 177 -4.39 -8.39 -12.00
CA SER C 177 -4.81 -7.01 -12.27
C SER C 177 -5.90 -6.84 -13.33
N GLY C 178 -5.91 -7.68 -14.36
CA GLY C 178 -6.88 -7.53 -15.44
C GLY C 178 -6.34 -6.63 -16.56
N LEU C 179 -5.11 -6.12 -16.39
CA LEU C 179 -4.41 -5.43 -17.45
C LEU C 179 -4.22 -6.35 -18.65
N ASP C 180 -4.18 -5.77 -19.84
CA ASP C 180 -3.78 -6.50 -21.04
C ASP C 180 -2.27 -6.53 -21.07
N PHE C 181 -1.65 -7.65 -20.75
CA PHE C 181 -0.21 -7.63 -20.60
C PHE C 181 0.45 -8.66 -21.51
N VAL C 182 1.75 -8.52 -21.67
CA VAL C 182 2.59 -9.59 -22.18
C VAL C 182 3.74 -9.79 -21.19
N THR C 183 3.93 -11.04 -20.78
CA THR C 183 5.08 -11.45 -19.97
C THR C 183 6.00 -12.27 -20.84
N PHE C 184 7.26 -11.84 -20.94
CA PHE C 184 8.31 -12.72 -21.50
C PHE C 184 9.04 -13.48 -20.40
N ARG C 185 8.78 -14.78 -20.34
CA ARG C 185 9.52 -15.67 -19.43
C ARG C 185 10.81 -16.10 -20.12
N LEU C 186 11.92 -15.82 -19.45
CA LEU C 186 13.24 -15.98 -20.02
C LEU C 186 14.16 -16.88 -19.17
N ALA C 187 15.01 -17.66 -19.87
CA ALA C 187 16.12 -18.37 -19.25
C ALA C 187 17.25 -17.40 -18.86
N ASN C 188 17.97 -16.89 -19.86
CA ASN C 188 19.11 -16.03 -19.66
C ASN C 188 19.14 -15.03 -20.77
N VAL C 189 19.34 -13.76 -20.42
CA VAL C 189 19.43 -12.70 -21.40
C VAL C 189 20.85 -12.18 -21.34
N VAL C 190 21.51 -12.16 -22.49
CA VAL C 190 22.92 -11.75 -22.55
C VAL C 190 23.14 -10.65 -23.62
N GLY C 191 24.24 -9.92 -23.50
CA GLY C 191 24.57 -8.87 -24.44
C GLY C 191 25.32 -7.76 -23.72
N PRO C 192 25.43 -6.60 -24.37
CA PRO C 192 26.02 -5.50 -23.67
C PRO C 192 25.09 -5.07 -22.54
N ARG C 193 25.68 -4.53 -21.47
CA ARG C 193 24.95 -4.00 -20.31
C ARG C 193 24.53 -5.11 -19.31
N ASN C 194 24.92 -6.34 -19.59
CA ASN C 194 24.57 -7.56 -18.79
C ASN C 194 25.36 -7.65 -17.48
N SER C 196 25.35 -9.38 -14.94
CA SER C 196 25.64 -10.61 -14.19
C SER C 196 25.50 -11.94 -15.00
N GLY C 197 25.88 -13.07 -14.40
CA GLY C 197 25.77 -14.40 -15.03
C GLY C 197 27.11 -14.93 -15.57
N PRO C 198 27.08 -16.04 -16.33
CA PRO C 198 28.29 -16.73 -16.83
C PRO C 198 29.21 -15.90 -17.75
N LEU C 199 28.62 -15.09 -18.67
CA LEU C 199 29.38 -14.26 -19.60
C LEU C 199 30.38 -13.33 -18.91
N PRO C 200 29.87 -12.44 -18.04
CA PRO C 200 30.80 -11.57 -17.29
C PRO C 200 31.75 -12.36 -16.38
N ILE C 201 31.28 -13.47 -15.80
CA ILE C 201 32.16 -14.34 -14.98
C ILE C 201 33.32 -14.90 -15.83
N PHE C 202 32.99 -15.53 -16.94
CA PHE C 202 33.99 -16.02 -17.87
C PHE C 202 34.96 -14.92 -18.28
N PHE C 203 34.45 -13.80 -18.78
CA PHE C 203 35.28 -12.68 -19.16
C PHE C 203 36.19 -12.25 -18.03
N GLN C 204 35.59 -12.04 -16.86
CA GLN C 204 36.35 -11.51 -15.72
C GLN C 204 37.49 -12.47 -15.36
N ARG C 205 37.19 -13.76 -15.22
CA ARG C 205 38.22 -14.73 -14.81
C ARG C 205 39.33 -14.85 -15.84
N LEU C 206 38.96 -14.97 -17.13
CA LEU C 206 39.94 -15.08 -18.21
C LEU C 206 40.83 -13.85 -18.32
N SER C 207 40.30 -12.68 -17.93
CA SER C 207 41.08 -11.46 -17.90
C SER C 207 42.12 -11.47 -16.79
N GLU C 208 41.76 -12.09 -15.68
CA GLU C 208 42.66 -12.23 -14.55
C GLU C 208 43.55 -13.47 -14.68
N GLY C 209 43.44 -14.15 -15.82
CA GLY C 209 44.24 -15.35 -16.09
C GLY C 209 43.78 -16.56 -15.29
N LYS C 210 42.57 -16.52 -14.75
CA LYS C 210 42.03 -17.61 -13.92
C LYS C 210 41.47 -18.75 -14.80
N LYS C 211 41.53 -19.97 -14.30
CA LYS C 211 41.01 -21.13 -15.00
C LYS C 211 39.51 -21.19 -14.70
N CYS C 212 38.71 -21.58 -15.69
CA CYS C 212 37.24 -21.59 -15.49
C CYS C 212 36.65 -22.99 -15.41
N PHE C 213 35.68 -23.15 -14.52
CA PHE C 213 34.85 -24.36 -14.53
C PHE C 213 33.83 -24.24 -15.66
N VAL C 214 33.66 -25.32 -16.40
CA VAL C 214 32.66 -25.36 -17.45
C VAL C 214 31.90 -26.65 -17.23
N THR C 215 30.69 -26.49 -16.73
CA THR C 215 29.85 -27.62 -16.40
C THR C 215 29.19 -28.21 -17.65
N LYS C 216 28.91 -29.51 -17.58
CA LYS C 216 28.37 -30.29 -18.68
C LYS C 216 26.85 -30.18 -18.57
N ALA C 217 26.33 -29.04 -19.03
CA ALA C 217 24.90 -28.73 -19.06
C ALA C 217 24.63 -27.87 -20.27
N ARG C 218 23.37 -27.82 -20.66
CA ARG C 218 22.90 -27.01 -21.78
C ARG C 218 21.84 -26.06 -21.21
N ARG C 219 21.96 -24.79 -21.58
CA ARG C 219 21.01 -23.77 -21.16
C ARG C 219 20.66 -22.83 -22.29
N ASP C 220 19.54 -22.14 -22.15
CA ASP C 220 19.10 -21.19 -23.16
C ASP C 220 19.58 -19.75 -22.95
N PHE C 221 20.17 -19.17 -23.98
CA PHE C 221 20.67 -17.78 -23.96
C PHE C 221 20.06 -16.94 -25.10
N VAL C 222 19.64 -15.74 -24.75
CA VAL C 222 18.86 -14.93 -25.68
C VAL C 222 19.52 -13.54 -25.72
N PHE C 223 19.76 -13.02 -26.91
CA PHE C 223 20.35 -11.69 -27.08
C PHE C 223 19.38 -10.61 -26.68
N VAL C 224 19.85 -9.67 -25.85
CA VAL C 224 18.98 -8.59 -25.34
C VAL C 224 18.31 -7.81 -26.47
N LYS C 225 19.01 -7.68 -27.60
CA LYS C 225 18.47 -6.91 -28.72
C LYS C 225 17.33 -7.61 -29.43
N ASP C 226 17.37 -8.95 -29.48
CA ASP C 226 16.19 -9.70 -30.03
C ASP C 226 14.98 -9.48 -29.16
N LEU C 227 15.20 -9.51 -27.84
CA LEU C 227 14.14 -9.33 -26.84
C LEU C 227 13.56 -7.93 -26.87
N ALA C 228 14.42 -6.93 -27.04
CA ALA C 228 14.05 -5.48 -27.15
C ALA C 228 13.14 -5.21 -28.34
N ARG C 229 13.44 -5.79 -29.50
CA ARG C 229 12.56 -5.57 -30.60
C ARG C 229 11.28 -6.36 -30.55
N ALA C 230 11.28 -7.53 -29.92
CA ALA C 230 10.01 -8.23 -29.63
C ALA C 230 9.15 -7.46 -28.61
N THR C 231 9.79 -6.75 -27.69
CA THR C 231 9.07 -5.87 -26.73
C THR C 231 8.36 -4.69 -27.42
N VAL C 232 9.04 -4.05 -28.37
CA VAL C 232 8.44 -2.94 -29.15
C VAL C 232 7.18 -3.46 -29.82
N ARG C 233 7.23 -4.67 -30.40
CA ARG C 233 6.03 -5.28 -30.98
C ARG C 233 4.94 -5.55 -29.94
N ALA C 234 5.35 -5.99 -28.74
CA ALA C 234 4.40 -6.14 -27.65
C ALA C 234 3.77 -4.77 -27.27
N VAL C 235 4.60 -3.71 -27.17
CA VAL C 235 4.11 -2.35 -26.91
C VAL C 235 3.02 -1.95 -27.93
N ASP C 236 3.27 -2.31 -29.20
CA ASP C 236 2.37 -2.07 -30.35
C ASP C 236 1.13 -2.94 -30.42
N GLY C 237 1.01 -3.89 -29.49
CA GLY C 237 -0.17 -4.73 -29.39
C GLY C 237 -0.05 -6.19 -29.80
N VAL C 238 1.15 -6.66 -30.20
CA VAL C 238 1.37 -8.09 -30.48
C VAL C 238 1.44 -8.94 -29.17
N GLY C 239 0.62 -9.98 -29.10
CA GLY C 239 0.69 -10.93 -27.99
C GLY C 239 -0.22 -10.57 -26.83
N HIS C 240 -0.63 -11.58 -26.07
CA HIS C 240 -1.39 -11.37 -24.83
C HIS C 240 -0.98 -12.50 -23.90
N GLY C 241 -0.61 -12.17 -22.67
CA GLY C 241 -0.30 -13.18 -21.67
C GLY C 241 1.15 -13.60 -21.70
N ALA C 242 1.44 -14.74 -21.06
CA ALA C 242 2.77 -15.30 -20.91
C ALA C 242 3.29 -16.08 -22.12
N TYR C 243 4.54 -15.82 -22.46
CA TYR C 243 5.28 -16.42 -23.54
C TYR C 243 6.67 -16.83 -23.07
N HIS C 244 7.20 -17.87 -23.67
CA HIS C 244 8.61 -18.25 -23.51
C HIS C 244 9.32 -17.55 -24.61
N PHE C 245 10.13 -16.55 -24.27
CA PHE C 245 10.91 -15.92 -25.29
C PHE C 245 12.20 -16.67 -25.41
N SER C 246 12.19 -17.61 -26.36
CA SER C 246 13.32 -18.53 -26.57
C SER C 246 13.29 -19.00 -28.04
N SER C 247 14.47 -19.35 -28.56
CA SER C 247 14.57 -19.99 -29.86
C SER C 247 14.05 -21.41 -29.80
N GLY C 248 13.90 -21.95 -28.60
CA GLY C 248 13.47 -23.32 -28.46
C GLY C 248 14.66 -24.25 -28.43
N THR C 249 15.85 -23.72 -28.70
CA THR C 249 17.07 -24.51 -28.59
C THR C 249 17.86 -24.16 -27.32
N ASP C 250 18.86 -24.97 -26.98
CA ASP C 250 19.74 -24.59 -25.90
C ASP C 250 21.21 -24.74 -26.32
N VAL C 251 22.08 -24.16 -25.51
CA VAL C 251 23.50 -24.19 -25.79
C VAL C 251 24.25 -24.85 -24.63
N ALA C 252 25.31 -25.59 -24.95
CA ALA C 252 26.21 -26.12 -23.93
C ALA C 252 27.04 -24.98 -23.32
N ILE C 253 27.25 -25.04 -22.01
CA ILE C 253 28.09 -24.05 -21.33
C ILE C 253 29.49 -23.95 -21.93
N LYS C 254 30.05 -25.10 -22.35
CA LYS C 254 31.26 -25.10 -23.18
C LYS C 254 31.18 -24.20 -24.44
N GLU C 255 30.05 -24.20 -25.13
CA GLU C 255 29.92 -23.37 -26.34
C GLU C 255 29.91 -21.90 -25.99
N LEU C 256 29.26 -21.58 -24.88
CA LEU C 256 29.27 -20.20 -24.34
C LEU C 256 30.68 -19.76 -23.99
N TYR C 257 31.35 -20.59 -23.21
CA TYR C 257 32.73 -20.35 -22.86
C TYR C 257 33.62 -20.15 -24.10
N ASP C 258 33.51 -21.07 -25.06
CA ASP C 258 34.23 -20.97 -26.34
C ASP C 258 34.01 -19.67 -27.09
N ALA C 259 32.75 -19.22 -27.15
CA ALA C 259 32.40 -17.90 -27.74
C ALA C 259 33.05 -16.73 -27.01
N VAL C 260 33.12 -16.81 -25.69
CA VAL C 260 33.76 -15.76 -24.89
C VAL C 260 35.25 -15.71 -25.21
N VAL C 261 35.92 -16.86 -25.21
CA VAL C 261 37.36 -16.86 -25.51
C VAL C 261 37.63 -16.39 -26.94
N GLU C 262 36.77 -16.77 -27.88
CA GLU C 262 36.91 -16.33 -29.29
C GLU C 262 36.83 -14.82 -29.47
N ALA C 263 35.87 -14.19 -28.81
CA ALA C 263 35.69 -12.72 -28.88
C ALA C 263 36.80 -11.98 -28.14
N MET C 264 37.32 -12.61 -27.10
CA MET C 264 38.33 -11.96 -26.28
C MET C 264 39.64 -11.81 -27.02
N ALA C 265 39.77 -12.58 -28.11
CA ALA C 265 40.90 -12.47 -29.03
C ALA C 265 42.15 -12.78 -28.22
N LEU C 266 42.18 -14.02 -27.76
CA LEU C 266 43.22 -14.48 -26.85
C LEU C 266 44.36 -15.18 -27.61
N PRO C 267 45.61 -15.00 -27.13
CA PRO C 267 46.75 -15.69 -27.73
C PRO C 267 46.82 -17.15 -27.22
N SER C 268 45.65 -17.72 -26.89
CA SER C 268 45.58 -18.77 -25.89
C SER C 268 45.20 -20.16 -26.39
N TYR C 269 43.93 -20.30 -26.73
CA TYR C 269 43.04 -21.32 -26.15
C TYR C 269 43.33 -21.79 -24.70
N PRO C 270 42.62 -21.24 -23.71
CA PRO C 270 42.75 -21.80 -22.37
C PRO C 270 41.73 -22.93 -22.13
N GLU C 271 42.21 -24.16 -22.08
CA GLU C 271 41.33 -25.31 -21.85
C GLU C 271 40.74 -25.18 -20.44
N PRO C 272 39.40 -25.23 -20.32
CA PRO C 272 38.73 -25.08 -19.02
C PRO C 272 38.70 -26.38 -18.23
N GLU C 273 38.18 -26.33 -17.01
CA GLU C 273 37.99 -27.52 -16.20
C GLU C 273 36.57 -28.09 -16.38
N ILE C 274 36.41 -29.08 -17.26
CA ILE C 274 35.11 -29.72 -17.45
C ILE C 274 34.68 -30.32 -16.11
N ARG C 275 33.41 -30.10 -15.78
CA ARG C 275 32.84 -30.36 -14.46
C ARG C 275 31.54 -31.14 -14.65
N GLU C 276 31.35 -32.25 -13.92
CA GLU C 276 30.13 -33.05 -14.10
C GLU C 276 28.93 -32.40 -13.41
N LEU C 277 27.73 -32.75 -13.87
CA LEU C 277 26.49 -32.13 -13.37
C LEU C 277 26.20 -32.53 -11.92
N GLY C 278 25.64 -31.60 -11.16
CA GLY C 278 25.19 -31.87 -9.79
C GLY C 278 24.19 -30.83 -9.31
N ALA C 282 19.09 -29.83 -13.68
CA ALA C 282 18.77 -30.50 -14.94
C ALA C 282 19.96 -30.47 -15.93
N PRO C 283 20.15 -31.53 -16.76
CA PRO C 283 21.17 -31.49 -17.81
C PRO C 283 20.90 -30.48 -18.94
N SER C 284 19.62 -30.28 -19.25
CA SER C 284 19.18 -29.39 -20.31
C SER C 284 17.87 -28.72 -19.86
N ILE C 285 17.76 -27.42 -20.12
CA ILE C 285 16.46 -26.77 -19.92
C ILE C 285 16.04 -26.06 -21.22
N LEU C 286 15.21 -26.75 -21.99
CA LEU C 286 14.61 -26.18 -23.17
C LEU C 286 13.27 -25.53 -22.77
N LEU C 287 13.07 -24.29 -23.18
CA LEU C 287 11.77 -23.65 -23.11
C LEU C 287 11.03 -23.88 -24.44
N ASP C 288 9.81 -24.38 -24.36
CA ASP C 288 8.96 -24.56 -25.58
C ASP C 288 8.43 -23.22 -26.09
N PRO C 289 8.85 -22.81 -27.28
CA PRO C 289 8.52 -21.53 -27.86
C PRO C 289 7.29 -21.56 -28.80
N SER C 290 6.53 -22.66 -28.78
CA SER C 290 5.40 -22.83 -29.71
C SER C 290 4.41 -21.66 -29.70
N ARG C 291 4.04 -21.15 -28.53
CA ARG C 291 3.08 -20.04 -28.48
C ARG C 291 3.68 -18.73 -28.96
N THR C 292 4.99 -18.60 -28.81
CA THR C 292 5.71 -17.40 -29.23
C THR C 292 5.86 -17.37 -30.76
N ILE C 293 6.15 -18.52 -31.34
CA ILE C 293 6.16 -18.66 -32.80
C ILE C 293 4.75 -18.40 -33.38
N GLN C 294 3.75 -18.95 -32.74
CA GLN C 294 2.37 -18.70 -33.10
C GLN C 294 1.98 -17.22 -33.19
N ASP C 295 2.29 -16.44 -32.15
CA ASP C 295 1.83 -15.03 -32.10
C ASP C 295 2.86 -13.99 -32.57
N PHE C 296 4.14 -14.24 -32.36
CA PHE C 296 5.20 -13.29 -32.80
C PHE C 296 5.86 -13.69 -34.12
N GLY C 297 5.48 -14.87 -34.63
CA GLY C 297 5.99 -15.33 -35.91
C GLY C 297 7.31 -16.02 -35.74
N LYS C 298 7.87 -16.49 -36.85
CA LYS C 298 9.19 -17.14 -36.81
C LYS C 298 10.28 -16.08 -36.75
N ILE C 299 10.79 -15.82 -35.54
CA ILE C 299 11.85 -14.82 -35.31
C ILE C 299 13.23 -15.40 -35.69
N GLU C 300 14.08 -14.51 -36.22
CA GLU C 300 15.44 -14.84 -36.53
C GLU C 300 16.26 -14.34 -35.36
N PHE C 301 16.72 -15.28 -34.54
CA PHE C 301 17.52 -15.02 -33.37
C PHE C 301 18.97 -14.86 -33.75
N THR C 302 19.60 -13.82 -33.19
CA THR C 302 20.99 -13.50 -33.45
C THR C 302 21.86 -14.72 -33.11
N PRO C 303 22.88 -15.04 -33.95
CA PRO C 303 23.76 -16.19 -33.64
C PRO C 303 24.59 -15.96 -32.36
N LEU C 304 24.87 -17.05 -31.63
CA LEU C 304 25.58 -16.99 -30.36
C LEU C 304 26.89 -16.22 -30.38
N LYS C 305 27.70 -16.39 -31.42
CA LYS C 305 28.98 -15.71 -31.50
C LYS C 305 28.80 -14.20 -31.52
N GLU C 306 27.82 -13.73 -32.28
CA GLU C 306 27.58 -12.30 -32.44
C GLU C 306 27.05 -11.69 -31.15
N THR C 307 26.12 -12.40 -30.50
CA THR C 307 25.61 -12.04 -29.16
C THR C 307 26.76 -11.85 -28.16
N VAL C 308 27.68 -12.82 -28.15
CA VAL C 308 28.81 -12.83 -27.22
C VAL C 308 29.86 -11.80 -27.60
N ALA C 309 30.03 -11.57 -28.90
CA ALA C 309 30.95 -10.52 -29.35
C ALA C 309 30.53 -9.15 -28.84
N ALA C 310 29.22 -8.86 -28.96
CA ALA C 310 28.65 -7.61 -28.46
C ALA C 310 28.76 -7.46 -26.94
N ALA C 311 28.53 -8.54 -26.20
CA ALA C 311 28.70 -8.54 -24.74
C ALA C 311 30.16 -8.23 -24.34
N VAL C 312 31.11 -8.90 -25.00
CA VAL C 312 32.55 -8.73 -24.74
C VAL C 312 33.11 -7.34 -25.09
N ALA C 313 32.70 -6.79 -26.24
CA ALA C 313 33.03 -5.40 -26.60
C ALA C 313 32.53 -4.40 -25.56
N TYR C 314 31.40 -4.71 -24.92
CA TYR C 314 30.91 -3.86 -23.84
C TYR C 314 31.78 -3.99 -22.59
N PHE C 315 32.16 -5.22 -22.22
CA PHE C 315 33.08 -5.44 -21.07
C PHE C 315 34.44 -4.74 -21.24
N ARG C 316 35.07 -4.89 -22.41
CA ARG C 316 36.32 -4.18 -22.75
C ARG C 316 36.22 -2.67 -22.51
N GLU C 317 35.10 -2.09 -22.92
CA GLU C 317 34.89 -0.64 -22.91
C GLU C 317 34.52 -0.12 -21.53
N TYR C 318 33.64 -0.82 -20.83
CA TYR C 318 33.31 -0.53 -19.44
C TYR C 318 33.94 -1.61 -18.57
N GLY C 319 33.16 -2.25 -17.72
CA GLY C 319 33.62 -3.46 -17.02
C GLY C 319 32.48 -4.41 -16.69
PA NAD D . -8.29 20.31 9.24
O1A NAD D . -8.28 18.99 8.60
O2A NAD D . -7.02 20.71 9.90
O5B NAD D . -9.59 20.48 10.22
C5B NAD D . -10.81 19.77 10.17
C4B NAD D . -11.02 19.21 11.58
O4B NAD D . -12.31 18.68 11.71
C3B NAD D . -10.08 18.02 11.85
O3B NAD D . -9.42 18.21 13.08
C2B NAD D . -10.99 16.82 11.74
O2B NAD D . -10.53 15.75 12.50
C1B NAD D . -12.30 17.39 12.24
N9A NAD D . -13.43 16.62 11.74
C8A NAD D . -13.60 16.01 10.52
N7A NAD D . -14.77 15.36 10.51
C5A NAD D . -15.36 15.52 11.73
C6A NAD D . -16.57 15.10 12.32
N6A NAD D . -17.37 14.26 11.67
N1A NAD D . -16.91 15.44 13.63
C2A NAD D . -16.04 16.20 14.40
N3A NAD D . -14.86 16.64 13.83
C4A NAD D . -14.52 16.31 12.53
O3 NAD D . -8.64 21.35 8.10
PN NAD D . -8.65 22.93 8.18
O1N NAD D . -7.65 23.39 7.21
O2N NAD D . -8.55 23.41 9.60
O5D NAD D . -10.09 23.23 7.61
C5D NAD D . -11.07 23.85 8.44
C4D NAD D . -12.30 24.23 7.61
O4D NAD D . -11.96 25.21 6.63
C3D NAD D . -12.95 23.07 6.87
O3D NAD D . -14.34 23.30 6.79
C2D NAD D . -12.51 23.23 5.44
O2D NAD D . -13.46 22.71 4.53
C1D NAD D . -12.36 24.75 5.33
N1N NAD D . -11.40 25.09 4.28
C2N NAD D . -10.03 24.94 4.49
C3N NAD D . -9.13 25.26 3.48
C7N NAD D . -7.69 24.92 3.58
O7N NAD D . -6.94 25.13 2.41
N7N NAD D . -7.14 24.43 4.70
C4N NAD D . -9.60 25.74 2.25
C5N NAD D . -10.99 25.88 2.07
C6N NAD D . -11.88 25.55 3.08
PA NAD E . -6.09 -10.27 12.96
O1A NAD E . -6.33 -9.16 12.02
O2A NAD E . -6.89 -10.21 14.20
O5B NAD E . -4.52 -10.24 13.37
C5B NAD E . -3.48 -9.73 12.54
C4B NAD E . -2.71 -8.83 13.50
O4B NAD E . -1.50 -8.39 12.87
C3B NAD E . -3.50 -7.58 13.85
O3B NAD E . -3.47 -7.36 15.23
C2B NAD E . -2.78 -6.47 13.08
O2B NAD E . -2.95 -5.21 13.69
C1B NAD E . -1.36 -7.00 13.04
N9A NAD E . -0.58 -6.45 11.94
C8A NAD E . -0.99 -6.20 10.64
N7A NAD E . 0.06 -5.67 9.97
C5A NAD E . 1.12 -5.57 10.83
C6A NAD E . 2.44 -5.08 10.69
N6A NAD E . 2.91 -4.51 9.57
N1A NAD E . 3.25 -5.15 11.80
C2A NAD E . 2.84 -5.63 13.05
N3A NAD E . 1.55 -6.09 13.17
C4A NAD E . 0.72 -6.07 12.08
O3 NAD E . -6.28 -11.67 12.17
PN NAD E . -6.13 -13.17 12.73
O1N NAD E . -7.46 -13.80 12.54
O2N NAD E . -5.47 -13.28 14.04
O5D NAD E . -5.11 -13.78 11.63
C5D NAD E . -3.76 -13.96 11.98
C4D NAD E . -3.04 -14.69 10.88
O4D NAD E . -3.80 -15.82 10.47
C3D NAD E . -2.93 -13.82 9.67
O3D NAD E . -1.66 -14.06 9.14
C2D NAD E . -3.95 -14.40 8.72
O2D NAD E . -3.60 -14.15 7.39
C1D NAD E . -3.96 -15.90 9.08
N1N NAD E . -5.27 -16.53 8.74
C2N NAD E . -6.40 -16.14 9.43
C3N NAD E . -7.64 -16.66 9.13
C7N NAD E . -8.84 -16.06 9.81
O7N NAD E . -10.12 -16.48 9.40
N7N NAD E . -8.68 -15.16 10.77
C4N NAD E . -7.78 -17.58 8.07
C5N NAD E . -6.63 -17.97 7.37
C6N NAD E . -5.37 -17.43 7.72
PA NAD F . 19.41 -5.20 -14.97
O1A NAD F . 20.04 -5.36 -13.64
O2A NAD F . 20.40 -4.91 -16.01
O5B NAD F . 18.20 -4.16 -14.88
C5B NAD F . 17.27 -4.00 -13.83
C4B NAD F . 17.22 -2.51 -13.58
O4B NAD F . 16.31 -2.20 -12.56
C3B NAD F . 18.56 -1.98 -13.07
O3B NAD F . 18.90 -0.87 -13.86
C2B NAD F . 18.31 -1.53 -11.66
O2B NAD F . 19.13 -0.46 -11.16
C1B NAD F . 16.85 -1.15 -11.75
N9A NAD F . 16.20 -1.19 -10.41
C8A NAD F . 16.43 -2.09 -9.39
N7A NAD F . 15.61 -1.75 -8.38
C5A NAD F . 14.90 -0.64 -8.68
C6A NAD F . 13.93 0.11 -8.00
N6A NAD F . 13.51 -0.21 -6.75
N1A NAD F . 13.39 1.16 -8.64
C2A NAD F . 13.78 1.57 -9.91
N3A NAD F . 14.73 0.81 -10.58
C4A NAD F . 15.27 -0.26 -9.97
O3 NAD F . 18.68 -6.60 -15.31
PN NAD F . 18.12 -7.02 -16.78
O1N NAD F . 18.90 -8.21 -17.27
O2N NAD F . 17.94 -5.88 -17.70
O5D NAD F . 16.66 -7.55 -16.35
C5D NAD F . 15.55 -6.70 -16.30
C4D NAD F . 14.36 -7.64 -16.09
O4D NAD F . 14.37 -8.87 -16.87
C3D NAD F . 14.30 -8.08 -14.64
O3D NAD F . 12.93 -8.04 -14.27
C2D NAD F . 14.78 -9.51 -14.62
O2D NAD F . 14.22 -10.24 -13.55
C1D NAD F . 14.26 -10.00 -15.98
N1N NAD F . 15.04 -11.18 -16.42
C2N NAD F . 16.35 -11.05 -16.84
C3N NAD F . 17.08 -12.16 -17.25
C7N NAD F . 18.57 -12.05 -17.46
O7N NAD F . 19.19 -10.77 -17.46
N7N NAD F . 19.27 -13.16 -17.65
C4N NAD F . 16.46 -13.43 -17.25
C5N NAD F . 15.13 -13.54 -16.83
C6N NAD F . 14.43 -12.41 -16.40
#